data_9R9K
#
_entry.id   9R9K
#
_cell.length_a   142.321
_cell.length_b   140.495
_cell.length_c   88.401
_cell.angle_alpha   90.00
_cell.angle_beta   123.50
_cell.angle_gamma   90.00
#
_symmetry.space_group_name_H-M   'C 1 2 1'
#
loop_
_entity.id
_entity.type
_entity.pdbx_description
1 polymer 'Interleukin-1 receptor-associated kinase 4'
2 non-polymer ~{N}-[3-aminocarbonyl-1-(oxan-4-yl)pyrazol-4-yl]-2-(2-methylpyridin-4-yl)-1,3-oxazole-4-carboxamide
3 non-polymer 'SULFATE ION'
4 water water
#
_entity_poly.entity_id   1
_entity_poly.type   'polypeptide(L)'
_entity_poly.pdbx_seq_one_letter_code
;GENKSLEVSDTRFHSFSFYELKNVTNNFDERPISVGGNKMGEGGFGVVYKGYVNNTTVAVKKLAAMVDITTEELKQQFDQ
EIKVMAKCQHENLVELLGFSSDGDDLCLVYVYMPNGSLLDRLSCLDGTPPLSWHMRCKIAQGAANGINFLHENHHIHRDI
KSANILLDEAFTAKISDFGLARASEKFAQTVM(TPO)(SEP)RIVGTTAYMAPEALRGEITPKSDIYSFGVVLLEIITGL
PAVDEHREPQLLLDIKEEIEDEEKTIEDYIDKKMNDADSTSVEAMYSVASQCLHEKKNKRPDIKKVQQLLQEMTAS
;
_entity_poly.pdbx_strand_id   A,B,C,D
#
# COMPACT_ATOMS: atom_id res chain seq x y z
N ASP A 10 -2.95 25.28 28.67
CA ASP A 10 -3.59 25.42 29.98
C ASP A 10 -2.61 25.96 31.03
N THR A 11 -3.10 26.77 31.95
CA THR A 11 -2.27 27.51 32.89
C THR A 11 -2.22 27.01 34.34
N ARG A 12 -2.71 25.78 34.62
CA ARG A 12 -2.65 25.27 35.99
C ARG A 12 -2.47 23.76 36.10
N PHE A 13 -1.88 23.31 37.22
CA PHE A 13 -1.73 21.90 37.53
C PHE A 13 -3.03 21.44 38.21
N HIS A 14 -3.59 20.32 37.77
CA HIS A 14 -4.85 19.84 38.32
C HIS A 14 -4.68 18.71 39.31
N SER A 15 -5.47 18.72 40.38
CA SER A 15 -5.51 17.61 41.31
C SER A 15 -6.66 16.73 40.80
N PHE A 16 -6.35 15.49 40.42
CA PHE A 16 -7.34 14.55 39.92
C PHE A 16 -7.77 13.58 41.00
N SER A 17 -9.00 13.07 40.93
CA SER A 17 -9.40 12.03 41.87
C SER A 17 -8.90 10.70 41.31
N PHE A 18 -8.58 9.76 42.21
CA PHE A 18 -8.12 8.43 41.79
C PHE A 18 -9.20 7.73 40.94
N TYR A 19 -10.46 7.90 41.33
CA TYR A 19 -11.57 7.29 40.62
C TYR A 19 -11.75 7.84 39.22
N GLU A 20 -11.41 9.12 38.99
CA GLU A 20 -11.52 9.68 37.65
C GLU A 20 -10.45 9.04 36.76
N LEU A 21 -9.23 8.90 37.30
CA LEU A 21 -8.15 8.27 36.55
C LEU A 21 -8.40 6.79 36.30
N LYS A 22 -8.98 6.11 37.27
CA LYS A 22 -9.34 4.70 37.13
C LYS A 22 -10.39 4.58 36.02
N ASN A 23 -11.39 5.44 36.05
CA ASN A 23 -12.47 5.42 35.06
C ASN A 23 -12.01 5.70 33.62
N VAL A 24 -11.15 6.71 33.43
CA VAL A 24 -10.73 7.10 32.10
C VAL A 24 -9.60 6.21 31.49
N THR A 25 -9.02 5.30 32.30
CA THR A 25 -8.02 4.35 31.81
C THR A 25 -8.61 2.93 31.72
N ASN A 26 -9.97 2.78 31.74
CA ASN A 26 -10.67 1.49 31.70
C ASN A 26 -10.19 0.60 32.85
N ASN A 27 -10.13 1.20 34.07
CA ASN A 27 -9.66 0.56 35.31
C ASN A 27 -8.20 0.14 35.17
N PHE A 28 -7.34 1.05 34.66
CA PHE A 28 -5.91 0.79 34.41
C PHE A 28 -5.68 -0.51 33.61
N ASP A 29 -6.35 -0.60 32.46
CA ASP A 29 -6.27 -1.75 31.57
C ASP A 29 -4.82 -1.98 31.13
N GLU A 30 -4.20 -3.07 31.63
CA GLU A 30 -2.81 -3.38 31.33
C GLU A 30 -2.53 -3.97 29.96
N ARG A 31 -3.56 -4.25 29.17
CA ARG A 31 -3.33 -4.75 27.81
C ARG A 31 -2.82 -3.62 26.94
N PRO A 32 -1.98 -3.91 25.94
CA PRO A 32 -1.52 -2.83 25.04
C PRO A 32 -2.71 -2.22 24.27
N ILE A 33 -2.56 -0.98 23.82
CA ILE A 33 -3.61 -0.28 23.08
C ILE A 33 -4.02 -1.02 21.81
N SER A 34 -3.06 -1.67 21.13
CA SER A 34 -3.36 -2.41 19.89
C SER A 34 -4.44 -3.47 20.07
N VAL A 35 -4.44 -4.19 21.20
CA VAL A 35 -5.46 -5.22 21.44
C VAL A 35 -6.75 -4.69 22.11
N GLY A 36 -6.81 -3.40 22.41
CA GLY A 36 -7.98 -2.80 23.04
C GLY A 36 -7.78 -2.33 24.47
N GLY A 37 -6.54 -2.34 24.92
CA GLY A 37 -6.20 -1.91 26.26
C GLY A 37 -5.74 -0.48 26.37
N ASN A 38 -5.08 -0.13 27.48
CA ASN A 38 -4.65 1.23 27.74
C ASN A 38 -3.16 1.39 28.03
N LYS A 39 -2.40 0.27 28.16
CA LYS A 39 -0.98 0.36 28.47
C LYS A 39 -0.17 0.94 27.30
N MET A 40 0.68 1.92 27.59
CA MET A 40 1.55 2.56 26.60
C MET A 40 3.05 2.37 26.92
N GLY A 41 3.38 2.22 28.19
CA GLY A 41 4.75 2.05 28.62
C GLY A 41 4.83 1.44 29.99
N GLU A 42 5.97 0.82 30.32
CA GLU A 42 6.14 0.19 31.63
C GLU A 42 7.61 0.09 32.00
N GLY A 43 7.86 0.04 33.30
CA GLY A 43 9.21 -0.05 33.84
C GLY A 43 9.20 -0.10 35.35
N GLY A 44 10.33 0.21 35.96
CA GLY A 44 10.47 0.21 37.41
C GLY A 44 9.66 1.29 38.09
N PHE A 45 9.50 2.43 37.41
CA PHE A 45 8.76 3.62 37.84
C PHE A 45 7.27 3.32 38.10
N GLY A 46 6.71 2.49 37.25
CA GLY A 46 5.31 2.10 37.26
C GLY A 46 4.85 1.79 35.84
N VAL A 47 3.56 2.04 35.55
CA VAL A 47 3.02 1.80 34.22
C VAL A 47 2.38 3.10 33.71
N VAL A 48 2.55 3.39 32.41
CA VAL A 48 1.95 4.56 31.79
C VAL A 48 0.71 4.10 30.99
N TYR A 49 -0.43 4.70 31.27
CA TYR A 49 -1.69 4.37 30.61
C TYR A 49 -2.26 5.53 29.84
N LYS A 50 -2.95 5.23 28.76
CA LYS A 50 -3.67 6.24 27.99
C LYS A 50 -4.98 6.51 28.75
N GLY A 51 -5.32 7.78 28.87
CA GLY A 51 -6.56 8.23 29.50
C GLY A 51 -7.23 9.33 28.70
N TYR A 52 -8.45 9.73 29.10
CA TYR A 52 -9.19 10.81 28.44
C TYR A 52 -9.79 11.69 29.53
N VAL A 53 -9.28 12.91 29.73
CA VAL A 53 -9.77 13.83 30.76
C VAL A 53 -10.09 15.21 30.18
N ASN A 54 -11.26 15.79 30.54
CA ASN A 54 -11.68 17.14 30.11
C ASN A 54 -11.62 17.27 28.57
N ASN A 55 -12.17 16.26 27.87
CA ASN A 55 -12.18 16.16 26.40
C ASN A 55 -10.77 16.23 25.76
N THR A 56 -9.76 15.63 26.41
CA THR A 56 -8.37 15.63 25.95
C THR A 56 -7.73 14.29 26.28
N THR A 57 -6.88 13.74 25.39
CA THR A 57 -6.17 12.51 25.68
C THR A 57 -4.98 12.85 26.57
N VAL A 58 -4.74 12.04 27.61
CA VAL A 58 -3.62 12.23 28.52
C VAL A 58 -2.86 10.90 28.75
N ALA A 59 -1.67 10.97 29.36
CA ALA A 59 -0.88 9.82 29.76
C ALA A 59 -0.92 9.80 31.30
N VAL A 60 -1.26 8.68 31.91
CA VAL A 60 -1.35 8.56 33.37
C VAL A 60 -0.31 7.57 33.85
N LYS A 61 0.64 8.01 34.66
CA LYS A 61 1.65 7.13 35.23
C LYS A 61 1.19 6.72 36.61
N LYS A 62 0.87 5.42 36.80
CA LYS A 62 0.49 4.92 38.11
C LYS A 62 1.76 4.40 38.77
N LEU A 63 2.19 5.06 39.85
CA LEU A 63 3.41 4.73 40.55
C LEU A 63 3.36 3.39 41.26
N ALA A 64 4.45 2.61 41.12
CA ALA A 64 4.60 1.33 41.81
C ALA A 64 5.94 1.32 42.56
N THR A 71 6.31 2.90 51.56
CA THR A 71 5.15 3.71 51.21
C THR A 71 5.43 5.21 51.34
N GLU A 72 5.98 5.63 52.48
CA GLU A 72 6.33 7.04 52.68
C GLU A 72 7.50 7.46 51.78
N GLU A 73 8.42 6.53 51.48
CA GLU A 73 9.53 6.79 50.59
C GLU A 73 9.02 6.99 49.15
N LEU A 74 7.96 6.26 48.75
CA LEU A 74 7.35 6.41 47.43
C LEU A 74 6.60 7.74 47.34
N LYS A 75 5.95 8.16 48.45
CA LYS A 75 5.25 9.46 48.52
C LYS A 75 6.28 10.60 48.37
N GLN A 76 7.50 10.44 48.92
CA GLN A 76 8.54 11.45 48.79
C GLN A 76 9.06 11.53 47.35
N GLN A 77 9.18 10.38 46.64
CA GLN A 77 9.62 10.43 45.25
C GLN A 77 8.53 11.06 44.37
N PHE A 78 7.26 10.87 44.72
CA PHE A 78 6.11 11.45 44.03
C PHE A 78 6.16 12.98 44.19
N ASP A 79 6.39 13.46 45.42
CA ASP A 79 6.48 14.90 45.73
C ASP A 79 7.67 15.54 45.01
N GLN A 80 8.80 14.82 44.93
CA GLN A 80 10.01 15.29 44.25
C GLN A 80 9.77 15.42 42.76
N GLU A 81 9.07 14.44 42.17
CA GLU A 81 8.73 14.46 40.75
C GLU A 81 7.86 15.67 40.40
N ILE A 82 6.89 15.99 41.25
CA ILE A 82 6.03 17.16 41.06
C ILE A 82 6.86 18.45 41.12
N LYS A 83 7.78 18.54 42.11
CA LYS A 83 8.70 19.67 42.31
C LYS A 83 9.59 19.90 41.08
N VAL A 84 10.28 18.85 40.61
CA VAL A 84 11.15 18.95 39.44
C VAL A 84 10.36 19.36 38.17
N MET A 85 9.18 18.73 37.93
CA MET A 85 8.38 19.07 36.75
C MET A 85 7.83 20.49 36.82
N ALA A 86 7.52 21.00 38.03
CA ALA A 86 7.02 22.38 38.21
C ALA A 86 8.08 23.43 37.88
N LYS A 87 9.35 23.09 38.11
CA LYS A 87 10.48 23.99 37.81
C LYS A 87 10.99 23.84 36.36
N CYS A 88 10.80 22.66 35.77
CA CYS A 88 11.32 22.39 34.45
C CYS A 88 10.23 22.38 33.37
N GLN A 89 9.95 23.58 32.82
CA GLN A 89 8.99 23.77 31.74
C GLN A 89 9.78 24.27 30.55
N HIS A 90 9.83 23.48 29.47
CA HIS A 90 10.57 23.79 28.26
C HIS A 90 9.95 22.99 27.10
N GLU A 91 10.01 23.53 25.88
CA GLU A 91 9.46 22.86 24.69
C GLU A 91 10.03 21.46 24.43
N ASN A 92 11.20 21.13 24.95
CA ASN A 92 11.79 19.79 24.73
C ASN A 92 11.81 18.92 25.98
N LEU A 93 10.84 19.14 26.89
CA LEU A 93 10.65 18.34 28.12
C LEU A 93 9.17 17.96 28.17
N VAL A 94 8.84 16.74 28.66
CA VAL A 94 7.43 16.33 28.77
C VAL A 94 6.73 17.22 29.78
N GLU A 95 5.48 17.60 29.51
CA GLU A 95 4.76 18.50 30.40
C GLU A 95 3.85 17.75 31.39
N LEU A 96 4.02 17.99 32.70
CA LEU A 96 3.13 17.41 33.72
C LEU A 96 1.86 18.28 33.80
N LEU A 97 0.68 17.66 33.77
CA LEU A 97 -0.62 18.34 33.82
C LEU A 97 -1.23 18.32 35.22
N GLY A 98 -1.01 17.26 35.95
CA GLY A 98 -1.63 17.09 37.25
C GLY A 98 -1.22 15.83 37.95
N PHE A 99 -1.88 15.52 39.08
CA PHE A 99 -1.52 14.40 39.94
C PHE A 99 -2.73 13.89 40.72
N SER A 100 -2.58 12.72 41.34
CA SER A 100 -3.63 12.13 42.17
C SER A 100 -2.97 11.41 43.32
N SER A 101 -3.45 11.65 44.54
CA SER A 101 -2.94 11.01 45.76
C SER A 101 -4.04 10.68 46.78
N ASP A 102 -5.32 10.96 46.46
CA ASP A 102 -6.46 10.74 47.35
C ASP A 102 -6.86 9.27 47.50
N GLY A 103 -6.62 8.48 46.46
CA GLY A 103 -7.04 7.08 46.49
C GLY A 103 -5.98 6.06 46.80
N ASP A 104 -6.23 4.83 46.36
CA ASP A 104 -5.38 3.67 46.56
C ASP A 104 -3.94 3.86 46.08
N ASP A 105 -3.76 4.43 44.87
CA ASP A 105 -2.42 4.60 44.32
C ASP A 105 -2.09 6.05 43.93
N LEU A 106 -0.78 6.37 43.86
CA LEU A 106 -0.27 7.67 43.46
C LEU A 106 -0.17 7.71 41.92
N CYS A 107 -0.72 8.75 41.31
CA CYS A 107 -0.70 8.91 39.86
C CYS A 107 -0.19 10.28 39.43
N LEU A 108 0.47 10.33 38.27
CA LEU A 108 0.94 11.57 37.66
C LEU A 108 0.36 11.63 36.25
N VAL A 109 -0.20 12.78 35.87
CA VAL A 109 -0.87 12.94 34.58
C VAL A 109 -0.06 13.87 33.67
N TYR A 110 0.27 13.42 32.47
CA TYR A 110 1.09 14.20 31.54
C TYR A 110 0.39 14.45 30.23
N VAL A 111 0.94 15.39 29.43
CA VAL A 111 0.47 15.64 28.08
C VAL A 111 0.75 14.38 27.24
N TYR A 112 -0.26 13.92 26.51
CA TYR A 112 -0.19 12.74 25.67
C TYR A 112 0.74 12.98 24.48
N MET A 113 1.65 12.02 24.24
CA MET A 113 2.65 12.07 23.18
C MET A 113 2.20 11.09 22.08
N PRO A 114 1.46 11.60 21.06
CA PRO A 114 0.87 10.69 20.05
C PRO A 114 1.84 9.81 19.29
N ASN A 115 3.10 10.25 19.19
CA ASN A 115 4.06 9.45 18.45
C ASN A 115 5.01 8.64 19.34
N GLY A 116 4.62 8.42 20.60
CA GLY A 116 5.31 7.56 21.55
C GLY A 116 6.78 7.85 21.74
N SER A 117 7.58 6.82 22.02
CA SER A 117 9.01 7.01 22.27
C SER A 117 9.86 6.86 21.01
N LEU A 118 11.05 7.47 21.05
CA LEU A 118 12.03 7.35 19.96
C LEU A 118 12.45 5.86 19.83
N LEU A 119 12.50 5.10 20.91
CA LEU A 119 12.86 3.68 20.87
C LEU A 119 11.81 2.92 20.01
N ASP A 120 10.52 3.18 20.27
CA ASP A 120 9.46 2.50 19.54
C ASP A 120 9.39 2.96 18.07
N ARG A 121 9.71 4.22 17.80
CA ARG A 121 9.72 4.70 16.41
C ARG A 121 10.94 4.14 15.64
N LEU A 122 12.08 3.95 16.33
CA LEU A 122 13.26 3.36 15.70
C LEU A 122 13.03 1.88 15.39
N SER A 123 12.24 1.17 16.21
CA SER A 123 11.93 -0.25 15.97
C SER A 123 10.62 -0.44 15.16
N CYS A 124 9.94 0.67 14.76
CA CYS A 124 8.70 0.66 13.97
C CYS A 124 7.58 -0.12 14.66
N LEU A 125 7.52 -0.06 16.00
CA LEU A 125 6.53 -0.75 16.80
C LEU A 125 5.11 -0.42 16.34
N ASP A 126 4.26 -1.44 16.21
CA ASP A 126 2.86 -1.33 15.81
C ASP A 126 2.64 -0.91 14.37
N GLY A 127 3.65 -1.04 13.52
CA GLY A 127 3.50 -0.82 12.10
C GLY A 127 3.75 0.57 11.61
N THR A 128 4.40 1.41 12.42
CA THR A 128 4.69 2.76 12.00
C THR A 128 5.82 2.78 10.96
N PRO A 129 5.77 3.71 10.01
CA PRO A 129 6.85 3.80 9.02
C PRO A 129 8.18 4.23 9.64
N PRO A 130 9.31 3.79 9.06
CA PRO A 130 10.61 4.19 9.61
C PRO A 130 10.84 5.69 9.54
N LEU A 131 11.59 6.23 10.50
CA LEU A 131 11.90 7.66 10.53
C LEU A 131 12.93 7.99 9.47
N SER A 132 12.72 9.09 8.74
CA SER A 132 13.69 9.51 7.75
C SER A 132 14.94 10.05 8.47
N TRP A 133 16.07 10.14 7.76
CA TRP A 133 17.28 10.75 8.30
C TRP A 133 17.03 12.20 8.67
N HIS A 134 16.23 12.93 7.86
CA HIS A 134 15.88 14.31 8.16
C HIS A 134 15.17 14.42 9.52
N MET A 135 14.16 13.56 9.77
CA MET A 135 13.45 13.60 11.04
C MET A 135 14.37 13.20 12.23
N ARG A 136 15.26 12.23 12.01
CA ARG A 136 16.21 11.82 13.05
C ARG A 136 17.14 12.96 13.46
N CYS A 137 17.60 13.78 12.47
CA CYS A 137 18.47 14.93 12.76
C CYS A 137 17.71 15.95 13.62
N LYS A 138 16.44 16.22 13.27
CA LYS A 138 15.60 17.14 14.04
C LYS A 138 15.36 16.64 15.45
N ILE A 139 15.16 15.34 15.61
CA ILE A 139 14.92 14.76 16.93
C ILE A 139 16.18 14.83 17.78
N ALA A 140 17.35 14.54 17.18
CA ALA A 140 18.62 14.63 17.93
C ALA A 140 18.84 16.06 18.44
N GLN A 141 18.56 17.07 17.59
CA GLN A 141 18.74 18.48 17.96
C GLN A 141 17.77 18.87 19.07
N GLY A 142 16.53 18.43 18.94
CA GLY A 142 15.49 18.69 19.94
C GLY A 142 15.83 18.11 21.30
N ALA A 143 16.24 16.83 21.33
CA ALA A 143 16.66 16.14 22.55
C ALA A 143 17.84 16.88 23.19
N ALA A 144 18.84 17.30 22.40
CA ALA A 144 19.98 18.04 22.93
C ALA A 144 19.53 19.40 23.53
N ASN A 145 18.52 20.06 22.93
CA ASN A 145 18.00 21.32 23.47
C ASN A 145 17.33 21.13 24.82
N GLY A 146 16.68 19.98 25.02
CA GLY A 146 16.06 19.60 26.29
C GLY A 146 17.09 19.34 27.36
N ILE A 147 18.13 18.57 27.04
CA ILE A 147 19.21 18.30 28.00
C ILE A 147 19.94 19.61 28.36
N ASN A 148 20.11 20.51 27.39
CA ASN A 148 20.74 21.80 27.65
C ASN A 148 19.95 22.60 28.70
N PHE A 149 18.61 22.61 28.60
CA PHE A 149 17.78 23.28 29.59
C PHE A 149 17.99 22.68 30.97
N LEU A 150 17.99 21.35 31.09
CA LEU A 150 18.20 20.69 32.37
C LEU A 150 19.56 21.06 32.98
N HIS A 151 20.65 21.01 32.18
CA HIS A 151 21.99 21.31 32.67
C HIS A 151 22.18 22.79 33.01
N GLU A 152 21.53 23.70 32.25
CA GLU A 152 21.56 25.14 32.56
C GLU A 152 20.86 25.39 33.92
N ASN A 153 19.86 24.58 34.25
CA ASN A 153 19.11 24.71 35.49
C ASN A 153 19.60 23.72 36.58
N HIS A 154 20.86 23.27 36.45
CA HIS A 154 21.59 22.41 37.40
C HIS A 154 20.86 21.11 37.76
N HIS A 155 20.36 20.41 36.74
CA HIS A 155 19.70 19.12 36.91
C HIS A 155 20.46 18.08 36.13
N ILE A 156 20.63 16.90 36.72
CA ILE A 156 21.26 15.78 36.07
C ILE A 156 20.12 14.78 35.89
N HIS A 157 19.84 14.37 34.65
CA HIS A 157 18.73 13.47 34.36
C HIS A 157 18.94 12.08 34.94
N ARG A 158 20.13 11.49 34.69
CA ARG A 158 20.58 10.17 35.16
C ARG A 158 20.00 8.97 34.41
N ASP A 159 19.04 9.19 33.49
CA ASP A 159 18.48 8.07 32.73
C ASP A 159 18.14 8.44 31.30
N ILE A 160 19.09 9.09 30.60
CA ILE A 160 18.89 9.48 29.21
C ILE A 160 19.00 8.19 28.38
N LYS A 161 17.98 7.93 27.59
CA LYS A 161 17.86 6.76 26.72
C LYS A 161 16.75 6.98 25.72
N SER A 162 16.71 6.22 24.62
CA SER A 162 15.68 6.43 23.60
C SER A 162 14.25 6.16 24.10
N ALA A 163 14.07 5.27 25.10
CA ALA A 163 12.74 5.05 25.71
C ALA A 163 12.25 6.31 26.45
N ASN A 164 13.19 7.19 26.88
CA ASN A 164 12.86 8.42 27.60
C ASN A 164 12.91 9.68 26.72
N ILE A 165 12.84 9.51 25.39
CA ILE A 165 12.72 10.63 24.48
C ILE A 165 11.38 10.44 23.78
N LEU A 166 10.38 11.22 24.14
CA LEU A 166 9.02 11.06 23.58
C LEU A 166 8.76 12.03 22.43
N LEU A 167 7.77 11.75 21.61
CA LEU A 167 7.51 12.50 20.41
C LEU A 167 6.06 12.95 20.33
N ASP A 168 5.86 14.25 20.15
CA ASP A 168 4.51 14.83 20.12
C ASP A 168 3.90 14.73 18.70
N GLU A 169 2.78 15.38 18.46
CA GLU A 169 2.05 15.39 17.18
C GLU A 169 2.87 15.93 15.99
N ALA A 170 3.95 16.63 16.24
CA ALA A 170 4.84 17.15 15.20
C ALA A 170 6.23 16.50 15.28
N PHE A 171 6.39 15.37 16.02
CA PHE A 171 7.68 14.67 16.22
C PHE A 171 8.73 15.55 16.91
N THR A 172 8.28 16.50 17.73
CA THR A 172 9.16 17.31 18.56
C THR A 172 9.61 16.39 19.71
N ALA A 173 10.94 16.31 19.94
CA ALA A 173 11.52 15.49 21.00
C ALA A 173 11.23 16.08 22.39
N LYS A 174 10.76 15.24 23.32
CA LYS A 174 10.41 15.65 24.68
C LYS A 174 11.10 14.71 25.64
N ILE A 175 12.09 15.19 26.40
CA ILE A 175 12.78 14.36 27.39
C ILE A 175 11.77 14.01 28.50
N SER A 176 11.70 12.73 28.90
CA SER A 176 10.75 12.24 29.90
C SER A 176 11.43 11.49 31.04
N ASP A 177 10.61 11.07 32.02
CA ASP A 177 11.01 10.30 33.20
C ASP A 177 12.09 10.97 34.02
N PHE A 178 11.69 11.94 34.81
CA PHE A 178 12.57 12.65 35.73
C PHE A 178 12.54 12.04 37.16
N GLY A 179 12.21 10.74 37.24
CA GLY A 179 12.12 10.01 38.50
C GLY A 179 13.44 9.86 39.22
N LEU A 180 14.56 9.85 38.46
CA LEU A 180 15.90 9.74 39.03
C LEU A 180 16.68 11.07 39.01
N ALA A 181 16.09 12.16 38.47
CA ALA A 181 16.76 13.46 38.36
C ALA A 181 17.25 14.02 39.69
N ARG A 182 18.44 14.67 39.67
CA ARG A 182 19.08 15.26 40.84
C ARG A 182 19.43 16.73 40.56
N ALA A 183 19.10 17.60 41.52
CA ALA A 183 19.39 19.03 41.43
C ALA A 183 20.73 19.31 42.10
N VAL A 191 30.61 14.62 43.44
CA VAL A 191 29.46 14.03 44.12
C VAL A 191 29.39 12.51 43.92
N MET A 192 29.33 11.76 45.02
CA MET A 192 29.23 10.30 44.97
C MET A 192 27.91 9.82 45.59
N ARG A 195 23.61 4.56 46.09
CA ARG A 195 22.47 3.96 45.40
C ARG A 195 22.62 4.26 43.91
N ILE A 196 23.31 3.40 43.18
CA ILE A 196 23.58 3.58 41.76
C ILE A 196 22.38 3.24 40.90
N VAL A 197 21.83 4.26 40.21
CA VAL A 197 20.67 4.08 39.35
C VAL A 197 20.96 4.52 37.91
N GLY A 198 20.11 4.06 36.98
CA GLY A 198 20.23 4.31 35.54
C GLY A 198 20.04 3.02 34.75
N THR A 199 20.32 3.06 33.44
CA THR A 199 20.18 1.90 32.57
C THR A 199 21.58 1.54 32.07
N THR A 200 22.09 0.37 32.48
CA THR A 200 23.44 -0.15 32.22
C THR A 200 24.00 0.09 30.80
N ALA A 201 23.24 -0.29 29.75
CA ALA A 201 23.67 -0.17 28.35
C ALA A 201 23.91 1.29 27.90
N TYR A 202 23.47 2.28 28.68
CA TYR A 202 23.65 3.70 28.35
C TYR A 202 24.61 4.41 29.31
N MET A 203 25.04 3.74 30.39
CA MET A 203 25.78 4.37 31.46
C MET A 203 27.25 4.55 31.22
N ALA A 204 27.75 5.73 31.60
CA ALA A 204 29.17 6.07 31.54
C ALA A 204 29.92 5.26 32.60
N PRO A 205 31.22 5.00 32.40
CA PRO A 205 31.98 4.24 33.42
C PRO A 205 31.91 4.88 34.81
N GLU A 206 32.03 6.21 34.93
CA GLU A 206 32.01 6.85 36.25
C GLU A 206 30.63 6.80 36.91
N ALA A 207 29.54 6.77 36.10
CA ALA A 207 28.18 6.65 36.64
C ALA A 207 27.99 5.24 37.20
N LEU A 208 28.52 4.21 36.51
CA LEU A 208 28.48 2.82 37.01
C LEU A 208 29.27 2.65 38.31
N ARG A 209 30.20 3.58 38.61
CA ARG A 209 31.00 3.57 39.83
C ARG A 209 30.41 4.41 40.96
N GLY A 210 29.33 5.15 40.71
CA GLY A 210 28.68 5.92 41.74
C GLY A 210 28.80 7.43 41.62
N GLU A 211 29.51 7.94 40.61
CA GLU A 211 29.62 9.38 40.44
C GLU A 211 28.32 9.99 39.93
N ILE A 212 28.00 11.22 40.38
CA ILE A 212 26.83 11.96 39.93
C ILE A 212 27.32 13.21 39.23
N THR A 213 27.25 13.24 37.89
CA THR A 213 27.74 14.37 37.10
C THR A 213 26.96 14.53 35.81
N PRO A 214 26.73 15.79 35.34
CA PRO A 214 26.06 15.98 34.06
C PRO A 214 26.86 15.41 32.88
N LYS A 215 28.18 15.17 33.05
CA LYS A 215 29.02 14.55 32.03
C LYS A 215 28.56 13.12 31.70
N SER A 216 27.92 12.45 32.65
CA SER A 216 27.38 11.12 32.42
C SER A 216 26.17 11.19 31.47
N ASP A 217 25.36 12.27 31.56
CA ASP A 217 24.21 12.45 30.66
C ASP A 217 24.68 12.57 29.21
N ILE A 218 25.84 13.23 29.00
CA ILE A 218 26.44 13.40 27.68
C ILE A 218 26.81 12.04 27.10
N TYR A 219 27.43 11.16 27.91
CA TYR A 219 27.79 9.80 27.47
C TYR A 219 26.53 9.03 27.02
N SER A 220 25.48 9.04 27.83
CA SER A 220 24.21 8.38 27.52
C SER A 220 23.60 8.90 26.22
N PHE A 221 23.66 10.23 26.01
CA PHE A 221 23.18 10.86 24.78
C PHE A 221 23.97 10.35 23.55
N GLY A 222 25.26 10.05 23.72
CA GLY A 222 26.08 9.48 22.66
C GLY A 222 25.58 8.11 22.24
N VAL A 223 25.14 7.28 23.21
CA VAL A 223 24.53 5.97 22.90
C VAL A 223 23.23 6.21 22.10
N VAL A 224 22.41 7.18 22.53
CA VAL A 224 21.17 7.54 21.78
C VAL A 224 21.48 7.93 20.32
N LEU A 225 22.55 8.70 20.10
CA LEU A 225 22.95 9.06 18.75
C LEU A 225 23.32 7.84 17.92
N LEU A 226 23.96 6.82 18.51
CA LEU A 226 24.26 5.58 17.81
C LEU A 226 22.98 4.84 17.46
N GLU A 227 21.98 4.85 18.35
CA GLU A 227 20.68 4.23 18.07
C GLU A 227 19.99 4.92 16.92
N ILE A 228 20.10 6.26 16.85
CA ILE A 228 19.51 7.03 15.75
C ILE A 228 20.18 6.70 14.41
N ILE A 229 21.52 6.60 14.39
CA ILE A 229 22.23 6.29 13.16
C ILE A 229 21.93 4.87 12.68
N THR A 230 21.98 3.90 13.58
CA THR A 230 21.90 2.48 13.24
C THR A 230 20.51 1.84 13.25
N GLY A 231 19.59 2.40 14.04
CA GLY A 231 18.27 1.82 14.25
C GLY A 231 18.30 0.61 15.19
N LEU A 232 19.49 0.31 15.77
CA LEU A 232 19.67 -0.84 16.63
C LEU A 232 19.47 -0.51 18.13
N PRO A 233 18.92 -1.45 18.91
CA PRO A 233 18.77 -1.21 20.34
C PRO A 233 20.14 -1.17 21.04
N ALA A 234 20.24 -0.42 22.16
CA ALA A 234 21.50 -0.27 22.92
C ALA A 234 22.04 -1.61 23.42
N VAL A 235 21.18 -2.58 23.68
CA VAL A 235 21.58 -3.92 24.10
C VAL A 235 20.71 -4.96 23.38
N ASP A 236 21.33 -6.04 22.88
CA ASP A 236 20.62 -7.12 22.20
C ASP A 236 21.41 -8.37 22.47
N GLU A 237 20.82 -9.30 23.23
CA GLU A 237 21.49 -10.56 23.58
C GLU A 237 21.77 -11.45 22.37
N HIS A 238 20.96 -11.33 21.31
CA HIS A 238 21.19 -12.12 20.09
C HIS A 238 21.99 -11.31 19.07
N ARG A 239 22.98 -10.54 19.52
CA ARG A 239 23.79 -9.71 18.62
C ARG A 239 25.27 -9.69 19.01
N GLU A 240 26.16 -9.47 18.03
CA GLU A 240 27.59 -9.32 18.28
C GLU A 240 28.01 -7.99 17.64
N PRO A 241 28.41 -6.99 18.44
CA PRO A 241 28.52 -6.98 19.91
C PRO A 241 27.16 -6.80 20.58
N GLN A 242 27.03 -7.30 21.81
CA GLN A 242 25.76 -7.21 22.54
C GLN A 242 25.44 -5.77 22.89
N LEU A 243 26.45 -4.97 23.26
CA LEU A 243 26.26 -3.56 23.62
C LEU A 243 26.59 -2.68 22.44
N LEU A 244 25.66 -1.81 22.05
CA LEU A 244 25.83 -0.91 20.90
C LEU A 244 27.05 -0.01 21.04
N LEU A 245 27.35 0.49 22.25
CA LEU A 245 28.50 1.38 22.45
C LEU A 245 29.83 0.75 22.00
N ASP A 246 29.91 -0.60 21.92
CA ASP A 246 31.10 -1.31 21.49
C ASP A 246 31.40 -1.17 19.99
N ILE A 247 30.43 -0.74 19.15
CA ILE A 247 30.70 -0.54 17.72
C ILE A 247 31.73 0.58 17.50
N LYS A 248 31.86 1.53 18.44
CA LYS A 248 32.80 2.63 18.36
C LYS A 248 34.24 2.08 18.25
N GLU A 249 34.54 0.99 19.02
CA GLU A 249 35.85 0.35 18.98
C GLU A 249 36.06 -0.41 17.69
N GLU A 250 35.03 -1.08 17.17
CA GLU A 250 35.12 -1.79 15.89
C GLU A 250 35.49 -0.82 14.74
N ILE A 251 34.86 0.38 14.73
CA ILE A 251 35.11 1.40 13.73
C ILE A 251 36.50 2.04 13.89
N GLU A 252 36.94 2.23 15.15
CA GLU A 252 38.25 2.80 15.42
C GLU A 252 39.35 1.82 15.00
N ASP A 253 39.15 0.51 15.26
CA ASP A 253 40.11 -0.53 14.90
C ASP A 253 40.02 -0.97 13.42
N GLU A 254 39.11 -0.35 12.64
CA GLU A 254 38.87 -0.54 11.22
C GLU A 254 38.37 -1.96 10.86
N GLU A 255 37.73 -2.64 11.81
CA GLU A 255 37.08 -3.93 11.56
C GLU A 255 35.72 -3.70 10.82
N LYS A 256 35.09 -2.53 11.03
CA LYS A 256 33.84 -2.10 10.43
C LYS A 256 33.88 -0.58 10.14
N THR A 257 32.96 -0.10 9.32
CA THR A 257 32.83 1.32 9.05
C THR A 257 31.46 1.82 9.53
N ILE A 258 31.25 3.14 9.66
CA ILE A 258 29.94 3.65 10.05
C ILE A 258 28.88 3.27 8.99
N GLU A 259 29.28 3.25 7.70
CA GLU A 259 28.46 2.85 6.55
C GLU A 259 27.88 1.44 6.73
N ASP A 260 28.65 0.52 7.29
CA ASP A 260 28.17 -0.85 7.55
C ASP A 260 26.99 -0.85 8.55
N TYR A 261 26.96 0.11 9.49
CA TYR A 261 25.98 0.18 10.55
C TYR A 261 24.80 1.12 10.31
N ILE A 262 24.85 1.99 9.29
CA ILE A 262 23.74 2.89 8.99
C ILE A 262 22.42 2.13 8.78
N ASP A 263 21.34 2.54 9.47
CA ASP A 263 20.01 1.93 9.36
C ASP A 263 19.59 1.80 7.92
N LYS A 264 19.41 0.55 7.45
CA LYS A 264 18.97 0.32 6.07
C LYS A 264 17.49 0.71 5.82
N LYS A 265 16.74 1.02 6.89
CA LYS A 265 15.36 1.48 6.78
C LYS A 265 15.24 3.00 6.50
N MET A 266 16.25 3.60 5.88
CA MET A 266 16.20 5.01 5.47
C MET A 266 16.58 5.05 4.00
N ASN A 267 16.05 6.02 3.25
CA ASN A 267 16.47 6.21 1.85
C ASN A 267 17.18 7.58 1.64
N ASP A 268 17.25 8.43 2.68
CA ASP A 268 17.75 9.80 2.57
C ASP A 268 18.96 10.13 3.43
N ALA A 269 19.67 9.12 3.90
CA ALA A 269 20.87 9.38 4.68
C ALA A 269 22.02 9.70 3.70
N ASP A 270 22.88 10.63 4.06
CA ASP A 270 24.05 10.94 3.24
C ASP A 270 25.27 10.75 4.11
N SER A 271 26.38 10.28 3.51
CA SER A 271 27.59 10.00 4.27
C SER A 271 28.11 11.18 5.08
N THR A 272 28.09 12.38 4.53
CA THR A 272 28.62 13.57 5.23
C THR A 272 27.91 13.86 6.54
N SER A 273 26.57 13.95 6.52
CA SER A 273 25.82 14.25 7.74
C SER A 273 25.81 13.06 8.71
N VAL A 274 25.81 11.80 8.22
CA VAL A 274 25.86 10.64 9.09
C VAL A 274 27.21 10.60 9.80
N GLU A 275 28.31 10.89 9.08
CA GLU A 275 29.63 10.92 9.69
C GLU A 275 29.78 12.07 10.68
N ALA A 276 29.13 13.21 10.42
CA ALA A 276 29.13 14.35 11.33
C ALA A 276 28.38 13.97 12.64
N MET A 277 27.23 13.25 12.55
CA MET A 277 26.52 12.80 13.75
C MET A 277 27.34 11.73 14.49
N TYR A 278 27.99 10.83 13.75
CA TYR A 278 28.84 9.80 14.37
C TYR A 278 30.01 10.45 15.11
N SER A 279 30.58 11.53 14.55
CA SER A 279 31.69 12.23 15.20
C SER A 279 31.23 12.83 16.54
N VAL A 280 30.00 13.39 16.61
CA VAL A 280 29.45 13.91 17.86
C VAL A 280 29.26 12.76 18.86
N ALA A 281 28.65 11.64 18.41
CA ALA A 281 28.41 10.45 19.24
C ALA A 281 29.76 9.92 19.81
N SER A 282 30.80 9.84 18.96
CA SER A 282 32.13 9.36 19.34
C SER A 282 32.74 10.26 20.42
N GLN A 283 32.58 11.58 20.32
CA GLN A 283 33.10 12.56 21.29
C GLN A 283 32.35 12.40 22.64
N CYS A 284 31.03 12.20 22.59
CA CYS A 284 30.19 11.97 23.77
C CYS A 284 30.59 10.68 24.50
N LEU A 285 31.03 9.67 23.75
CA LEU A 285 31.37 8.37 24.29
C LEU A 285 32.83 8.26 24.74
N HIS A 286 33.55 9.40 24.92
CA HIS A 286 34.92 9.38 25.40
C HIS A 286 34.91 8.82 26.83
N GLU A 287 35.81 7.87 27.09
CA GLU A 287 35.92 7.16 28.35
C GLU A 287 36.20 8.11 29.53
N LYS A 288 37.01 9.15 29.30
CA LYS A 288 37.33 10.15 30.32
C LYS A 288 36.28 11.26 30.27
N LYS A 289 35.54 11.46 31.38
CA LYS A 289 34.45 12.42 31.47
C LYS A 289 34.83 13.86 31.10
N ASN A 290 36.05 14.29 31.45
CA ASN A 290 36.49 15.65 31.16
C ASN A 290 36.86 15.87 29.68
N LYS A 291 37.05 14.79 28.92
CA LYS A 291 37.35 14.90 27.49
C LYS A 291 36.07 14.98 26.62
N ARG A 292 34.88 14.72 27.20
CA ARG A 292 33.62 14.82 26.49
C ARG A 292 33.26 16.26 26.30
N PRO A 293 32.56 16.59 25.19
CA PRO A 293 32.05 17.96 25.06
C PRO A 293 30.90 18.20 26.06
N ASP A 294 30.66 19.47 26.42
CA ASP A 294 29.49 19.78 27.26
C ASP A 294 28.24 19.84 26.33
N ILE A 295 27.03 19.96 26.90
CA ILE A 295 25.80 19.98 26.09
C ILE A 295 25.71 21.17 25.10
N LYS A 296 26.27 22.34 25.46
CA LYS A 296 26.28 23.50 24.56
C LYS A 296 27.12 23.19 23.31
N LYS A 297 28.23 22.47 23.45
CA LYS A 297 29.08 22.11 22.33
C LYS A 297 28.37 21.06 21.48
N VAL A 298 27.71 20.08 22.11
CA VAL A 298 26.93 19.05 21.40
C VAL A 298 25.84 19.73 20.55
N GLN A 299 25.15 20.71 21.13
CA GLN A 299 24.14 21.51 20.45
C GLN A 299 24.72 22.23 19.22
N GLN A 300 25.89 22.87 19.37
CA GLN A 300 26.59 23.55 18.30
C GLN A 300 26.98 22.57 17.16
N LEU A 301 27.55 21.41 17.50
CA LEU A 301 27.95 20.42 16.51
C LEU A 301 26.75 19.83 15.76
N LEU A 302 25.62 19.59 16.45
CA LEU A 302 24.41 19.08 15.81
C LEU A 302 23.78 20.11 14.90
N GLN A 303 23.95 21.41 15.19
CA GLN A 303 23.45 22.49 14.35
C GLN A 303 24.31 22.60 13.13
N GLU A 304 25.64 22.47 13.25
CA GLU A 304 26.56 22.57 12.12
C GLU A 304 26.34 21.44 11.10
N MET A 305 25.88 20.27 11.57
CA MET A 305 25.57 19.09 10.78
C MET A 305 24.50 19.41 9.71
N THR A 306 23.48 20.18 10.07
CA THR A 306 22.43 20.56 9.13
C THR A 306 22.53 22.03 8.66
N ALA A 307 23.55 22.79 9.11
CA ALA A 307 23.70 24.21 8.77
C ALA A 307 23.83 24.49 7.31
N SER A 308 23.14 25.57 6.91
CA SER A 308 23.10 26.10 5.56
C SER A 308 23.48 27.58 5.62
N LEU B 6 -10.14 -23.79 -35.76
CA LEU B 6 -10.06 -24.91 -34.82
C LEU B 6 -11.28 -25.84 -34.99
N GLU B 7 -11.08 -27.13 -34.70
CA GLU B 7 -12.10 -28.15 -34.93
C GLU B 7 -13.17 -28.26 -33.86
N VAL B 8 -14.37 -28.68 -34.27
CA VAL B 8 -15.52 -28.94 -33.41
C VAL B 8 -15.26 -30.21 -32.55
N SER B 9 -15.90 -30.31 -31.38
CA SER B 9 -15.82 -31.47 -30.50
C SER B 9 -17.11 -32.34 -30.64
N ASP B 10 -17.16 -33.52 -29.99
CA ASP B 10 -18.33 -34.40 -30.01
C ASP B 10 -18.40 -34.99 -28.59
N THR B 11 -18.61 -34.11 -27.59
CA THR B 11 -18.54 -34.53 -26.18
C THR B 11 -19.82 -35.08 -25.53
N ARG B 12 -19.61 -36.05 -24.64
CA ARG B 12 -20.60 -36.67 -23.77
C ARG B 12 -20.22 -36.18 -22.35
N PHE B 13 -21.15 -35.55 -21.62
CA PHE B 13 -20.87 -34.99 -20.29
C PHE B 13 -21.33 -35.84 -19.11
N HIS B 14 -20.65 -35.65 -17.96
CA HIS B 14 -20.91 -36.29 -16.68
C HIS B 14 -22.21 -35.76 -16.07
N SER B 15 -22.97 -36.63 -15.44
CA SER B 15 -24.24 -36.27 -14.81
C SER B 15 -24.02 -36.13 -13.30
N PHE B 16 -24.40 -35.00 -12.71
CA PHE B 16 -24.23 -34.79 -11.27
C PHE B 16 -25.55 -34.88 -10.58
N SER B 17 -25.55 -35.39 -9.33
CA SER B 17 -26.79 -35.44 -8.55
C SER B 17 -27.13 -34.00 -8.16
N PHE B 18 -28.41 -33.66 -8.24
CA PHE B 18 -28.92 -32.35 -7.86
C PHE B 18 -28.65 -32.10 -6.38
N TYR B 19 -28.82 -33.13 -5.53
CA TYR B 19 -28.58 -32.99 -4.10
C TYR B 19 -27.10 -32.82 -3.73
N GLU B 20 -26.17 -33.26 -4.60
CA GLU B 20 -24.74 -33.04 -4.35
C GLU B 20 -24.45 -31.57 -4.66
N LEU B 21 -24.99 -31.06 -5.77
CA LEU B 21 -24.83 -29.67 -6.13
C LEU B 21 -25.48 -28.77 -5.08
N LYS B 22 -26.65 -29.17 -4.54
CA LYS B 22 -27.34 -28.39 -3.51
C LYS B 22 -26.47 -28.37 -2.24
N ASN B 23 -25.95 -29.53 -1.86
CA ASN B 23 -25.08 -29.70 -0.70
C ASN B 23 -23.75 -28.90 -0.75
N VAL B 24 -23.13 -28.73 -1.94
CA VAL B 24 -21.83 -28.03 -2.02
C VAL B 24 -21.93 -26.52 -2.31
N THR B 25 -23.16 -26.03 -2.54
CA THR B 25 -23.42 -24.60 -2.71
C THR B 25 -24.17 -24.04 -1.47
N ASN B 26 -24.15 -24.76 -0.32
CA ASN B 26 -24.85 -24.37 0.91
C ASN B 26 -26.34 -24.13 0.64
N ASN B 27 -26.98 -25.12 -0.01
CA ASN B 27 -28.40 -25.10 -0.37
C ASN B 27 -28.70 -23.93 -1.31
N PHE B 28 -27.83 -23.74 -2.32
CA PHE B 28 -27.92 -22.67 -3.31
C PHE B 28 -28.04 -21.31 -2.63
N ASP B 29 -27.11 -21.05 -1.71
CA ASP B 29 -27.05 -19.84 -0.90
C ASP B 29 -26.97 -18.61 -1.80
N GLU B 30 -28.06 -17.82 -1.81
CA GLU B 30 -28.18 -16.64 -2.66
C GLU B 30 -27.51 -15.39 -2.13
N ARG B 31 -26.91 -15.45 -0.94
CA ARG B 31 -26.19 -14.29 -0.42
C ARG B 31 -24.86 -14.19 -1.20
N PRO B 32 -24.36 -12.97 -1.42
CA PRO B 32 -23.06 -12.83 -2.09
C PRO B 32 -21.93 -13.49 -1.26
N ILE B 33 -20.83 -13.89 -1.94
CA ILE B 33 -19.68 -14.52 -1.30
C ILE B 33 -19.12 -13.65 -0.15
N SER B 34 -19.10 -12.32 -0.33
CA SER B 34 -18.56 -11.39 0.67
C SER B 34 -19.19 -11.56 2.04
N VAL B 35 -20.51 -11.75 2.11
CA VAL B 35 -21.19 -11.91 3.39
C VAL B 35 -21.25 -13.36 3.91
N GLY B 36 -20.70 -14.31 3.15
CA GLY B 36 -20.70 -15.72 3.53
C GLY B 36 -21.55 -16.64 2.68
N GLY B 37 -22.05 -16.12 1.57
CA GLY B 37 -22.88 -16.89 0.66
C GLY B 37 -22.09 -17.56 -0.44
N ASN B 38 -22.78 -17.97 -1.51
CA ASN B 38 -22.15 -18.65 -2.63
C ASN B 38 -22.41 -17.99 -3.98
N LYS B 39 -23.26 -16.94 -4.04
CA LYS B 39 -23.59 -16.31 -5.30
C LYS B 39 -22.39 -15.58 -5.94
N MET B 40 -22.15 -15.87 -7.22
CA MET B 40 -21.10 -15.25 -8.05
C MET B 40 -21.67 -14.44 -9.21
N GLY B 41 -22.89 -14.73 -9.62
CA GLY B 41 -23.52 -14.04 -10.73
C GLY B 41 -25.01 -14.29 -10.80
N GLU B 42 -25.74 -13.40 -11.46
CA GLU B 42 -27.19 -13.41 -11.56
C GLU B 42 -27.63 -12.83 -12.93
N GLY B 43 -28.82 -13.22 -13.35
CA GLY B 43 -29.42 -12.73 -14.59
C GLY B 43 -30.73 -13.42 -14.89
N GLY B 44 -31.19 -13.27 -16.13
CA GLY B 44 -32.42 -13.91 -16.58
C GLY B 44 -32.28 -15.41 -16.67
N PHE B 45 -31.05 -15.89 -16.92
CA PHE B 45 -30.64 -17.29 -17.05
C PHE B 45 -30.74 -18.10 -15.75
N GLY B 46 -30.74 -17.41 -14.63
CA GLY B 46 -30.73 -18.02 -13.31
C GLY B 46 -29.65 -17.39 -12.45
N VAL B 47 -29.06 -18.18 -11.53
CA VAL B 47 -28.01 -17.73 -10.63
C VAL B 47 -26.79 -18.68 -10.67
N VAL B 48 -25.56 -18.12 -10.69
CA VAL B 48 -24.31 -18.88 -10.70
C VAL B 48 -23.79 -18.95 -9.27
N TYR B 49 -23.50 -20.16 -8.77
CA TYR B 49 -23.00 -20.38 -7.43
C TYR B 49 -21.65 -21.01 -7.42
N LYS B 50 -20.85 -20.68 -6.40
CA LYS B 50 -19.56 -21.30 -6.20
C LYS B 50 -19.81 -22.66 -5.54
N GLY B 51 -19.23 -23.71 -6.12
CA GLY B 51 -19.38 -25.07 -5.61
C GLY B 51 -18.06 -25.80 -5.46
N TYR B 52 -18.12 -27.04 -4.98
CA TYR B 52 -16.94 -27.87 -4.79
C TYR B 52 -17.25 -29.34 -5.09
N VAL B 53 -16.89 -29.83 -6.27
CA VAL B 53 -17.14 -31.23 -6.65
C VAL B 53 -15.85 -31.84 -7.21
N ASN B 54 -15.66 -33.17 -7.02
CA ASN B 54 -14.47 -33.89 -7.46
C ASN B 54 -13.17 -33.21 -7.00
N ASN B 55 -13.12 -32.77 -5.72
CA ASN B 55 -11.96 -32.13 -5.09
C ASN B 55 -11.49 -30.83 -5.77
N THR B 56 -12.41 -30.13 -6.45
CA THR B 56 -12.10 -28.94 -7.24
C THR B 56 -13.18 -27.88 -7.05
N THR B 57 -12.84 -26.57 -7.15
CA THR B 57 -13.85 -25.50 -7.10
C THR B 57 -14.50 -25.42 -8.48
N VAL B 58 -15.82 -25.30 -8.51
CA VAL B 58 -16.59 -25.22 -9.76
C VAL B 58 -17.64 -24.07 -9.66
N ALA B 59 -18.25 -23.72 -10.80
CA ALA B 59 -19.34 -22.75 -10.88
C ALA B 59 -20.59 -23.59 -11.24
N VAL B 60 -21.70 -23.41 -10.50
CA VAL B 60 -22.92 -24.15 -10.76
C VAL B 60 -24.00 -23.14 -11.16
N LYS B 61 -24.54 -23.26 -12.38
CA LYS B 61 -25.60 -22.38 -12.81
C LYS B 61 -26.91 -23.09 -12.60
N LYS B 62 -27.74 -22.58 -11.70
CA LYS B 62 -29.07 -23.15 -11.50
C LYS B 62 -30.07 -22.40 -12.36
N LEU B 63 -30.80 -23.12 -13.21
CA LEU B 63 -31.85 -22.55 -14.04
C LEU B 63 -33.16 -22.78 -13.25
N ALA B 64 -33.43 -21.92 -12.25
CA ALA B 64 -34.61 -22.05 -11.37
C ALA B 64 -35.59 -20.89 -11.56
N THR B 71 -42.09 -23.38 -19.38
CA THR B 71 -41.60 -24.37 -18.43
C THR B 71 -41.10 -25.63 -19.15
N GLU B 72 -41.90 -26.22 -20.06
CA GLU B 72 -41.44 -27.38 -20.83
C GLU B 72 -40.34 -26.95 -21.83
N GLU B 73 -40.47 -25.73 -22.38
CA GLU B 73 -39.47 -25.17 -23.29
C GLU B 73 -38.12 -24.92 -22.55
N LEU B 74 -38.12 -24.80 -21.20
CA LEU B 74 -36.90 -24.62 -20.42
C LEU B 74 -35.99 -25.86 -20.53
N LYS B 75 -36.59 -27.06 -20.60
CA LYS B 75 -35.85 -28.30 -20.77
C LYS B 75 -35.18 -28.34 -22.16
N GLN B 76 -35.87 -27.79 -23.18
CA GLN B 76 -35.37 -27.69 -24.56
C GLN B 76 -34.21 -26.69 -24.63
N GLN B 77 -34.30 -25.58 -23.86
CA GLN B 77 -33.26 -24.55 -23.79
C GLN B 77 -31.99 -25.11 -23.13
N PHE B 78 -32.15 -25.87 -22.03
CA PHE B 78 -31.08 -26.54 -21.28
C PHE B 78 -30.38 -27.55 -22.20
N ASP B 79 -31.17 -28.32 -22.97
CA ASP B 79 -30.67 -29.32 -23.92
C ASP B 79 -29.85 -28.65 -25.04
N GLN B 80 -30.30 -27.47 -25.48
CA GLN B 80 -29.64 -26.72 -26.54
C GLN B 80 -28.27 -26.17 -26.06
N GLU B 81 -28.19 -25.69 -24.82
CA GLU B 81 -26.93 -25.14 -24.29
C GLU B 81 -25.87 -26.24 -24.14
N ILE B 82 -26.31 -27.44 -23.74
CA ILE B 82 -25.43 -28.58 -23.61
C ILE B 82 -24.91 -28.96 -24.99
N LYS B 83 -25.79 -28.93 -26.03
CA LYS B 83 -25.46 -29.22 -27.42
C LYS B 83 -24.37 -28.26 -27.93
N VAL B 84 -24.55 -26.96 -27.72
CA VAL B 84 -23.53 -25.97 -28.09
C VAL B 84 -22.20 -26.23 -27.36
N MET B 85 -22.25 -26.48 -26.03
CA MET B 85 -21.07 -26.77 -25.22
C MET B 85 -20.35 -28.05 -25.64
N ALA B 86 -21.08 -29.07 -26.09
CA ALA B 86 -20.47 -30.32 -26.53
C ALA B 86 -19.66 -30.13 -27.83
N LYS B 87 -20.11 -29.21 -28.69
CA LYS B 87 -19.45 -28.92 -29.95
C LYS B 87 -18.42 -27.80 -29.87
N CYS B 88 -18.60 -26.84 -28.95
CA CYS B 88 -17.75 -25.67 -28.90
C CYS B 88 -16.76 -25.68 -27.74
N GLN B 89 -15.61 -26.34 -27.95
CA GLN B 89 -14.59 -26.40 -26.91
C GLN B 89 -13.36 -25.69 -27.43
N HIS B 90 -12.87 -24.70 -26.67
CA HIS B 90 -11.74 -23.89 -27.11
C HIS B 90 -11.09 -23.22 -25.90
N GLU B 91 -9.85 -22.78 -26.10
CA GLU B 91 -9.06 -22.09 -25.09
C GLU B 91 -9.77 -20.85 -24.56
N ASN B 92 -10.53 -20.13 -25.41
CA ASN B 92 -11.18 -18.90 -24.98
C ASN B 92 -12.70 -19.02 -24.86
N LEU B 93 -13.18 -20.21 -24.48
CA LEU B 93 -14.59 -20.46 -24.23
C LEU B 93 -14.65 -21.19 -22.90
N VAL B 94 -15.57 -20.80 -22.01
CA VAL B 94 -15.74 -21.49 -20.72
C VAL B 94 -16.10 -22.97 -20.95
N GLU B 95 -15.49 -23.86 -20.19
CA GLU B 95 -15.70 -25.28 -20.36
C GLU B 95 -16.81 -25.83 -19.46
N LEU B 96 -17.72 -26.62 -20.04
CA LEU B 96 -18.78 -27.28 -19.29
C LEU B 96 -18.22 -28.60 -18.71
N LEU B 97 -18.41 -28.83 -17.43
CA LEU B 97 -17.94 -30.04 -16.75
C LEU B 97 -19.03 -31.09 -16.57
N GLY B 98 -20.27 -30.67 -16.49
CA GLY B 98 -21.39 -31.57 -16.28
C GLY B 98 -22.71 -30.86 -16.17
N PHE B 99 -23.77 -31.63 -15.89
CA PHE B 99 -25.12 -31.09 -15.80
C PHE B 99 -25.91 -31.86 -14.74
N SER B 100 -27.08 -31.35 -14.39
CA SER B 100 -27.96 -32.02 -13.45
C SER B 100 -29.38 -31.71 -13.82
N SER B 101 -30.19 -32.74 -13.93
CA SER B 101 -31.61 -32.59 -14.25
C SER B 101 -32.50 -33.46 -13.35
N ASP B 102 -31.90 -34.17 -12.36
CA ASP B 102 -32.48 -35.16 -11.45
C ASP B 102 -32.92 -34.66 -10.06
N GLY B 103 -33.53 -33.49 -10.02
CA GLY B 103 -34.00 -32.95 -8.74
C GLY B 103 -35.08 -31.91 -8.90
N ASP B 104 -34.98 -30.82 -8.14
CA ASP B 104 -35.95 -29.75 -8.21
C ASP B 104 -35.69 -28.88 -9.45
N ASP B 105 -34.43 -28.46 -9.67
CA ASP B 105 -34.11 -27.57 -10.78
C ASP B 105 -33.05 -28.11 -11.77
N LEU B 106 -32.89 -27.47 -12.93
CA LEU B 106 -31.90 -27.83 -13.94
C LEU B 106 -30.61 -27.11 -13.62
N CYS B 107 -29.47 -27.81 -13.59
CA CYS B 107 -28.17 -27.20 -13.29
C CYS B 107 -27.12 -27.50 -14.34
N LEU B 108 -26.17 -26.58 -14.51
CA LEU B 108 -25.05 -26.74 -15.43
C LEU B 108 -23.78 -26.45 -14.61
N VAL B 109 -22.77 -27.32 -14.69
CA VAL B 109 -21.54 -27.16 -13.91
C VAL B 109 -20.38 -26.78 -14.82
N TYR B 110 -19.67 -25.70 -14.50
CA TYR B 110 -18.56 -25.22 -15.33
C TYR B 110 -17.26 -25.12 -14.59
N VAL B 111 -16.15 -24.95 -15.35
CA VAL B 111 -14.85 -24.69 -14.78
C VAL B 111 -14.89 -23.31 -14.08
N TYR B 112 -14.40 -23.24 -12.84
CA TYR B 112 -14.38 -22.03 -12.03
C TYR B 112 -13.42 -20.99 -12.61
N MET B 113 -13.87 -19.73 -12.71
CA MET B 113 -13.09 -18.60 -13.21
C MET B 113 -12.75 -17.70 -12.04
N PRO B 114 -11.53 -17.86 -11.46
CA PRO B 114 -11.18 -17.12 -10.25
C PRO B 114 -11.18 -15.58 -10.32
N ASN B 115 -11.00 -15.02 -11.53
CA ASN B 115 -10.94 -13.56 -11.65
C ASN B 115 -12.23 -12.94 -12.19
N GLY B 116 -13.33 -13.67 -12.13
CA GLY B 116 -14.64 -13.17 -12.51
C GLY B 116 -14.78 -12.63 -13.91
N SER B 117 -15.64 -11.65 -14.07
CA SER B 117 -15.92 -11.08 -15.37
C SER B 117 -15.05 -9.87 -15.66
N LEU B 118 -14.85 -9.61 -16.95
CA LEU B 118 -14.15 -8.44 -17.44
C LEU B 118 -14.89 -7.17 -16.99
N LEU B 119 -16.24 -7.22 -16.88
CA LEU B 119 -17.05 -6.09 -16.43
C LEU B 119 -16.61 -5.64 -15.03
N ASP B 120 -16.52 -6.62 -14.13
CA ASP B 120 -16.18 -6.34 -12.74
C ASP B 120 -14.70 -5.98 -12.58
N ARG B 121 -13.82 -6.54 -13.43
CA ARG B 121 -12.40 -6.19 -13.37
C ARG B 121 -12.15 -4.78 -13.94
N LEU B 122 -12.94 -4.36 -14.93
CA LEU B 122 -12.81 -3.00 -15.47
C LEU B 122 -13.31 -1.96 -14.44
N SER B 123 -14.36 -2.31 -13.67
CA SER B 123 -14.86 -1.40 -12.64
C SER B 123 -14.06 -1.50 -11.33
N CYS B 124 -13.17 -2.50 -11.20
CA CYS B 124 -12.37 -2.78 -9.99
C CYS B 124 -13.30 -3.12 -8.82
N LEU B 125 -14.38 -3.86 -9.09
CA LEU B 125 -15.37 -4.25 -8.09
C LEU B 125 -14.69 -4.98 -6.95
N ASP B 126 -15.04 -4.62 -5.71
CA ASP B 126 -14.51 -5.20 -4.48
C ASP B 126 -13.04 -4.86 -4.20
N GLY B 127 -12.50 -3.84 -4.85
CA GLY B 127 -11.14 -3.37 -4.58
C GLY B 127 -10.01 -4.08 -5.33
N THR B 128 -10.33 -4.75 -6.43
CA THR B 128 -9.32 -5.42 -7.24
C THR B 128 -8.51 -4.41 -8.03
N PRO B 129 -7.21 -4.66 -8.24
CA PRO B 129 -6.38 -3.68 -8.93
C PRO B 129 -6.77 -3.49 -10.39
N PRO B 130 -6.60 -2.28 -10.93
CA PRO B 130 -6.91 -2.06 -12.35
C PRO B 130 -6.05 -2.91 -13.28
N LEU B 131 -6.60 -3.30 -14.41
CA LEU B 131 -5.88 -4.09 -15.40
C LEU B 131 -4.91 -3.20 -16.18
N SER B 132 -3.70 -3.66 -16.41
CA SER B 132 -2.74 -2.91 -17.22
C SER B 132 -3.17 -2.94 -18.71
N TRP B 133 -2.62 -2.03 -19.53
CA TRP B 133 -2.88 -2.03 -20.97
C TRP B 133 -2.37 -3.34 -21.61
N HIS B 134 -1.24 -3.86 -21.13
CA HIS B 134 -0.72 -5.16 -21.59
C HIS B 134 -1.74 -6.27 -21.35
N MET B 135 -2.33 -6.36 -20.14
CA MET B 135 -3.31 -7.42 -19.86
C MET B 135 -4.58 -7.21 -20.70
N ARG B 136 -5.02 -5.94 -20.87
CA ARG B 136 -6.19 -5.63 -21.68
C ARG B 136 -6.03 -6.06 -23.14
N CYS B 137 -4.82 -5.88 -23.70
CA CYS B 137 -4.53 -6.31 -25.08
C CYS B 137 -4.58 -7.81 -25.19
N LYS B 138 -4.11 -8.53 -24.17
CA LYS B 138 -4.14 -9.99 -24.14
C LYS B 138 -5.58 -10.47 -24.05
N ILE B 139 -6.39 -9.85 -23.20
CA ILE B 139 -7.82 -10.21 -23.05
C ILE B 139 -8.61 -9.95 -24.35
N ALA B 140 -8.38 -8.81 -25.01
CA ALA B 140 -9.12 -8.48 -26.24
C ALA B 140 -8.77 -9.52 -27.32
N GLN B 141 -7.50 -9.88 -27.47
CA GLN B 141 -7.07 -10.88 -28.44
C GLN B 141 -7.70 -12.24 -28.15
N GLY B 142 -7.69 -12.64 -26.88
CA GLY B 142 -8.26 -13.92 -26.46
C GLY B 142 -9.76 -13.97 -26.69
N ALA B 143 -10.50 -12.92 -26.34
CA ALA B 143 -11.95 -12.86 -26.59
C ALA B 143 -12.23 -12.97 -28.12
N ALA B 144 -11.44 -12.26 -28.96
CA ALA B 144 -11.58 -12.35 -30.41
C ALA B 144 -11.29 -13.77 -30.93
N ASN B 145 -10.32 -14.46 -30.33
CA ASN B 145 -10.01 -15.85 -30.69
C ASN B 145 -11.17 -16.79 -30.37
N GLY B 146 -11.90 -16.52 -29.30
CA GLY B 146 -13.05 -17.31 -28.91
C GLY B 146 -14.23 -17.13 -29.84
N ILE B 147 -14.51 -15.90 -30.24
CA ILE B 147 -15.58 -15.58 -31.19
C ILE B 147 -15.24 -16.11 -32.57
N ASN B 148 -13.93 -16.11 -32.94
CA ASN B 148 -13.50 -16.67 -34.21
C ASN B 148 -13.82 -18.15 -34.27
N PHE B 149 -13.58 -18.89 -33.17
CA PHE B 149 -13.91 -20.31 -33.11
C PHE B 149 -15.40 -20.52 -33.33
N LEU B 150 -16.25 -19.76 -32.61
CA LEU B 150 -17.71 -19.85 -32.70
C LEU B 150 -18.17 -19.59 -34.14
N HIS B 151 -17.67 -18.52 -34.77
CA HIS B 151 -18.09 -18.19 -36.13
C HIS B 151 -17.55 -19.17 -37.17
N GLU B 152 -16.36 -19.75 -36.97
CA GLU B 152 -15.81 -20.79 -37.85
C GLU B 152 -16.70 -22.04 -37.77
N ASN B 153 -17.29 -22.31 -36.60
CA ASN B 153 -18.18 -23.44 -36.39
C ASN B 153 -19.67 -23.08 -36.52
N HIS B 154 -19.97 -21.98 -37.25
CA HIS B 154 -21.31 -21.49 -37.58
C HIS B 154 -22.24 -21.30 -36.37
N HIS B 155 -21.73 -20.62 -35.35
CA HIS B 155 -22.51 -20.28 -34.16
C HIS B 155 -22.53 -18.78 -33.98
N ILE B 156 -23.67 -18.23 -33.58
CA ILE B 156 -23.82 -16.83 -33.27
C ILE B 156 -24.08 -16.80 -31.77
N HIS B 157 -23.25 -16.07 -31.03
CA HIS B 157 -23.39 -15.99 -29.59
C HIS B 157 -24.66 -15.26 -29.17
N ARG B 158 -24.91 -14.06 -29.74
CA ARG B 158 -26.09 -13.21 -29.52
C ARG B 158 -26.05 -12.37 -28.22
N ASP B 159 -25.08 -12.60 -27.35
CA ASP B 159 -24.99 -11.81 -26.11
C ASP B 159 -23.54 -11.53 -25.68
N ILE B 160 -22.72 -11.07 -26.64
CA ILE B 160 -21.35 -10.71 -26.36
C ILE B 160 -21.41 -9.39 -25.56
N LYS B 161 -20.77 -9.39 -24.40
CA LYS B 161 -20.69 -8.27 -23.49
C LYS B 161 -19.60 -8.55 -22.47
N SER B 162 -19.10 -7.50 -21.77
CA SER B 162 -18.02 -7.71 -20.80
C SER B 162 -18.43 -8.60 -19.61
N ALA B 163 -19.73 -8.65 -19.25
CA ALA B 163 -20.18 -9.57 -18.18
C ALA B 163 -20.06 -11.06 -18.60
N ASN B 164 -20.05 -11.32 -19.92
CA ASN B 164 -19.92 -12.65 -20.48
C ASN B 164 -18.50 -12.97 -20.96
N ILE B 165 -17.49 -12.21 -20.50
CA ILE B 165 -16.11 -12.51 -20.80
C ILE B 165 -15.49 -12.77 -19.43
N LEU B 166 -15.26 -14.04 -19.09
CA LEU B 166 -14.72 -14.38 -17.79
C LEU B 166 -13.21 -14.55 -17.84
N LEU B 167 -12.56 -14.48 -16.69
CA LEU B 167 -11.12 -14.48 -16.57
C LEU B 167 -10.62 -15.58 -15.62
N ASP B 168 -9.77 -16.46 -16.13
CA ASP B 168 -9.23 -17.58 -15.34
C ASP B 168 -8.05 -17.12 -14.44
N GLU B 169 -7.31 -18.07 -13.81
CA GLU B 169 -6.18 -17.82 -12.91
C GLU B 169 -5.02 -17.09 -13.56
N ALA B 170 -5.00 -17.01 -14.87
CA ALA B 170 -3.96 -16.27 -15.61
C ALA B 170 -4.56 -15.09 -16.38
N PHE B 171 -5.83 -14.70 -16.11
CA PHE B 171 -6.51 -13.61 -16.83
C PHE B 171 -6.68 -13.90 -18.34
N THR B 172 -6.80 -15.19 -18.68
CA THR B 172 -7.12 -15.63 -20.05
C THR B 172 -8.62 -15.40 -20.19
N ALA B 173 -9.04 -14.74 -21.28
CA ALA B 173 -10.42 -14.43 -21.59
C ALA B 173 -11.18 -15.69 -22.00
N LYS B 174 -12.36 -15.91 -21.43
CA LYS B 174 -13.18 -17.08 -21.69
C LYS B 174 -14.61 -16.64 -21.91
N ILE B 175 -15.07 -16.74 -23.16
CA ILE B 175 -16.45 -16.36 -23.52
C ILE B 175 -17.41 -17.30 -22.78
N SER B 176 -18.40 -16.73 -22.09
CA SER B 176 -19.36 -17.49 -21.33
C SER B 176 -20.81 -17.23 -21.79
N ASP B 177 -21.78 -17.92 -21.15
CA ASP B 177 -23.21 -17.81 -21.37
C ASP B 177 -23.64 -18.04 -22.80
N PHE B 178 -23.70 -19.31 -23.17
CA PHE B 178 -24.15 -19.74 -24.50
C PHE B 178 -25.65 -20.10 -24.51
N GLY B 179 -26.43 -19.57 -23.57
CA GLY B 179 -27.87 -19.82 -23.47
C GLY B 179 -28.68 -19.27 -24.63
N LEU B 180 -28.19 -18.21 -25.28
CA LEU B 180 -28.86 -17.62 -26.42
C LEU B 180 -28.22 -18.02 -27.77
N ALA B 181 -27.10 -18.79 -27.77
CA ALA B 181 -26.38 -19.19 -28.99
C ALA B 181 -27.22 -19.91 -30.01
N ARG B 182 -27.02 -19.62 -31.31
CA ARG B 182 -27.77 -20.21 -32.42
C ARG B 182 -26.80 -20.79 -33.45
N ALA B 183 -27.08 -22.01 -33.90
CA ALA B 183 -26.26 -22.68 -34.91
C ALA B 183 -26.85 -22.41 -36.28
N VAL B 191 -31.83 -14.59 -41.87
CA VAL B 191 -32.56 -15.23 -40.77
C VAL B 191 -33.22 -14.19 -39.86
N MET B 192 -34.52 -14.32 -39.63
CA MET B 192 -35.26 -13.41 -38.75
C MET B 192 -35.87 -14.18 -37.57
N ARG B 195 -38.61 -13.56 -31.35
CA ARG B 195 -38.23 -13.48 -29.94
C ARG B 195 -36.84 -12.84 -29.89
N ILE B 196 -36.80 -11.50 -29.80
CA ILE B 196 -35.57 -10.73 -29.80
C ILE B 196 -34.88 -10.77 -28.44
N VAL B 197 -33.68 -11.36 -28.39
CA VAL B 197 -32.91 -11.47 -27.16
C VAL B 197 -31.53 -10.80 -27.29
N GLY B 198 -30.91 -10.49 -26.16
CA GLY B 198 -29.61 -9.83 -26.09
C GLY B 198 -29.63 -8.69 -25.09
N THR B 199 -28.56 -7.90 -25.03
CA THR B 199 -28.44 -6.78 -24.11
C THR B 199 -28.40 -5.48 -24.90
N THR B 200 -29.45 -4.64 -24.77
CA THR B 200 -29.65 -3.39 -25.51
C THR B 200 -28.41 -2.52 -25.75
N ALA B 201 -27.65 -2.19 -24.70
CA ALA B 201 -26.48 -1.32 -24.79
C ALA B 201 -25.34 -1.87 -25.67
N TYR B 202 -25.40 -3.17 -26.03
CA TYR B 202 -24.39 -3.82 -26.88
C TYR B 202 -24.95 -4.25 -28.25
N MET B 203 -26.27 -4.21 -28.43
CA MET B 203 -26.96 -4.70 -29.62
C MET B 203 -26.83 -3.84 -30.88
N ALA B 204 -26.56 -4.48 -32.02
CA ALA B 204 -26.50 -3.82 -33.33
C ALA B 204 -27.93 -3.42 -33.76
N PRO B 205 -28.08 -2.42 -34.64
CA PRO B 205 -29.43 -2.03 -35.07
C PRO B 205 -30.24 -3.18 -35.68
N GLU B 206 -29.61 -4.04 -36.51
CA GLU B 206 -30.32 -5.15 -37.13
C GLU B 206 -30.73 -6.23 -36.13
N ALA B 207 -29.94 -6.41 -35.05
CA ALA B 207 -30.27 -7.37 -34.01
C ALA B 207 -31.49 -6.87 -33.22
N LEU B 208 -31.56 -5.54 -32.96
CA LEU B 208 -32.71 -4.93 -32.28
C LEU B 208 -34.01 -5.07 -33.13
N ARG B 209 -33.87 -5.31 -34.46
CA ARG B 209 -35.00 -5.51 -35.36
C ARG B 209 -35.39 -6.95 -35.56
N GLY B 210 -34.59 -7.90 -35.05
CA GLY B 210 -34.93 -9.31 -35.18
C GLY B 210 -34.03 -10.11 -36.09
N GLU B 211 -33.00 -9.51 -36.70
CA GLU B 211 -32.08 -10.27 -37.56
C GLU B 211 -31.16 -11.13 -36.72
N ILE B 212 -30.79 -12.32 -37.24
CA ILE B 212 -29.86 -13.23 -36.59
C ILE B 212 -28.66 -13.37 -37.51
N THR B 213 -27.52 -12.75 -37.16
CA THR B 213 -26.31 -12.79 -38.00
C THR B 213 -25.03 -12.67 -37.16
N PRO B 214 -23.94 -13.35 -37.58
CA PRO B 214 -22.67 -13.21 -36.85
C PRO B 214 -22.15 -11.77 -36.88
N LYS B 215 -22.59 -10.94 -37.85
CA LYS B 215 -22.20 -9.54 -37.94
C LYS B 215 -22.65 -8.76 -36.71
N SER B 216 -23.74 -9.18 -36.05
CA SER B 216 -24.19 -8.53 -34.83
C SER B 216 -23.21 -8.78 -33.66
N ASP B 217 -22.59 -9.98 -33.61
CA ASP B 217 -21.58 -10.29 -32.58
C ASP B 217 -20.37 -9.35 -32.70
N ILE B 218 -19.98 -9.02 -33.92
CA ILE B 218 -18.88 -8.09 -34.21
C ILE B 218 -19.20 -6.72 -33.65
N TYR B 219 -20.44 -6.22 -33.84
CA TYR B 219 -20.87 -4.92 -33.30
C TYR B 219 -20.76 -4.90 -31.76
N SER B 220 -21.28 -5.94 -31.09
CA SER B 220 -21.22 -6.07 -29.65
C SER B 220 -19.79 -6.09 -29.14
N PHE B 221 -18.90 -6.80 -29.86
CA PHE B 221 -17.48 -6.86 -29.52
C PHE B 221 -16.84 -5.48 -29.60
N GLY B 222 -17.30 -4.63 -30.53
CA GLY B 222 -16.81 -3.26 -30.63
C GLY B 222 -17.14 -2.43 -29.40
N VAL B 223 -18.34 -2.67 -28.80
CA VAL B 223 -18.71 -2.01 -27.53
C VAL B 223 -17.74 -2.49 -26.44
N VAL B 224 -17.46 -3.82 -26.39
CA VAL B 224 -16.51 -4.38 -25.42
C VAL B 224 -15.12 -3.72 -25.55
N LEU B 225 -14.65 -3.50 -26.78
CA LEU B 225 -13.37 -2.84 -27.01
C LEU B 225 -13.37 -1.41 -26.46
N LEU B 226 -14.50 -0.71 -26.55
CA LEU B 226 -14.61 0.64 -25.98
C LEU B 226 -14.54 0.57 -24.47
N GLU B 227 -15.19 -0.46 -23.85
CA GLU B 227 -15.12 -0.64 -22.40
C GLU B 227 -13.67 -0.89 -21.96
N ILE B 228 -12.92 -1.68 -22.75
CA ILE B 228 -11.52 -1.97 -22.46
C ILE B 228 -10.64 -0.70 -22.54
N ILE B 229 -10.86 0.12 -23.56
CA ILE B 229 -10.07 1.35 -23.70
C ILE B 229 -10.36 2.36 -22.58
N THR B 230 -11.65 2.59 -22.31
CA THR B 230 -12.14 3.63 -21.41
C THR B 230 -12.32 3.26 -19.96
N GLY B 231 -12.53 1.99 -19.68
CA GLY B 231 -12.88 1.56 -18.33
C GLY B 231 -14.32 1.87 -17.94
N LEU B 232 -15.13 2.40 -18.88
CA LEU B 232 -16.49 2.81 -18.61
C LEU B 232 -17.52 1.74 -18.91
N PRO B 233 -18.62 1.69 -18.14
CA PRO B 233 -19.69 0.71 -18.45
C PRO B 233 -20.43 1.08 -19.76
N ALA B 234 -20.99 0.08 -20.46
CA ALA B 234 -21.69 0.30 -21.73
C ALA B 234 -22.91 1.24 -21.59
N VAL B 235 -23.53 1.26 -20.41
CA VAL B 235 -24.67 2.14 -20.13
C VAL B 235 -24.51 2.73 -18.72
N ASP B 236 -24.74 4.04 -18.57
CA ASP B 236 -24.71 4.74 -17.28
C ASP B 236 -25.78 5.81 -17.37
N GLU B 237 -26.85 5.64 -16.58
CA GLU B 237 -27.97 6.55 -16.61
C GLU B 237 -27.64 7.97 -16.18
N HIS B 238 -26.59 8.14 -15.35
CA HIS B 238 -26.21 9.49 -14.93
C HIS B 238 -25.08 10.07 -15.77
N ARG B 239 -24.83 9.54 -16.97
CA ARG B 239 -23.74 9.99 -17.83
C ARG B 239 -24.23 10.60 -19.15
N GLU B 240 -23.45 11.52 -19.72
CA GLU B 240 -23.71 12.08 -21.04
C GLU B 240 -22.47 11.74 -21.88
N PRO B 241 -22.58 10.86 -22.89
CA PRO B 241 -23.80 10.15 -23.31
C PRO B 241 -24.10 8.93 -22.43
N GLN B 242 -25.37 8.55 -22.34
CA GLN B 242 -25.77 7.39 -21.55
C GLN B 242 -25.20 6.10 -22.09
N LEU B 243 -25.20 5.92 -23.41
CA LEU B 243 -24.68 4.72 -24.07
C LEU B 243 -23.27 4.96 -24.54
N LEU B 244 -22.35 4.07 -24.15
CA LEU B 244 -20.93 4.18 -24.51
C LEU B 244 -20.69 4.20 -26.01
N LEU B 245 -21.48 3.42 -26.80
CA LEU B 245 -21.30 3.39 -28.26
C LEU B 245 -21.45 4.80 -28.90
N ASP B 246 -22.13 5.75 -28.21
CA ASP B 246 -22.32 7.11 -28.71
C ASP B 246 -21.05 7.97 -28.69
N ILE B 247 -19.99 7.55 -27.95
CA ILE B 247 -18.73 8.31 -27.96
C ILE B 247 -18.08 8.27 -29.35
N LYS B 248 -18.41 7.25 -30.17
CA LYS B 248 -17.91 7.10 -31.53
C LYS B 248 -18.26 8.32 -32.36
N GLU B 249 -19.49 8.81 -32.20
CA GLU B 249 -19.96 10.01 -32.91
C GLU B 249 -19.29 11.26 -32.40
N GLU B 250 -19.07 11.38 -31.08
CA GLU B 250 -18.40 12.54 -30.51
C GLU B 250 -16.98 12.69 -31.08
N ILE B 251 -16.25 11.57 -31.20
CA ILE B 251 -14.89 11.54 -31.72
C ILE B 251 -14.88 11.80 -33.23
N GLU B 252 -15.88 11.28 -33.96
CA GLU B 252 -15.98 11.50 -35.40
C GLU B 252 -16.27 12.97 -35.70
N ASP B 253 -17.17 13.58 -34.91
CA ASP B 253 -17.54 15.00 -35.06
C ASP B 253 -16.52 15.99 -34.45
N GLU B 254 -15.42 15.47 -33.86
CA GLU B 254 -14.31 16.18 -33.23
C GLU B 254 -14.71 17.01 -32.02
N GLU B 255 -15.78 16.62 -31.34
CA GLU B 255 -16.18 17.23 -30.07
C GLU B 255 -15.27 16.70 -28.91
N LYS B 256 -14.75 15.46 -29.07
CA LYS B 256 -13.86 14.78 -28.12
C LYS B 256 -12.80 13.97 -28.90
N THR B 257 -11.72 13.56 -28.22
CA THR B 257 -10.70 12.70 -28.83
C THR B 257 -10.68 11.35 -28.08
N ILE B 258 -10.04 10.30 -28.64
CA ILE B 258 -9.92 9.03 -27.91
C ILE B 258 -9.12 9.23 -26.63
N GLU B 259 -8.08 10.10 -26.67
CA GLU B 259 -7.23 10.46 -25.54
C GLU B 259 -8.06 10.96 -24.35
N ASP B 260 -9.13 11.73 -24.61
CA ASP B 260 -10.02 12.22 -23.55
C ASP B 260 -10.70 11.07 -22.78
N TYR B 261 -10.98 9.95 -23.48
CA TYR B 261 -11.69 8.81 -22.92
C TYR B 261 -10.82 7.65 -22.41
N ILE B 262 -9.50 7.64 -22.69
CA ILE B 262 -8.61 6.56 -22.23
C ILE B 262 -8.66 6.39 -20.75
N ASP B 263 -8.84 5.16 -20.26
CA ASP B 263 -8.88 4.86 -18.83
C ASP B 263 -7.62 5.38 -18.13
N LYS B 264 -7.80 6.32 -17.18
CA LYS B 264 -6.64 6.87 -16.47
C LYS B 264 -6.06 5.91 -15.42
N LYS B 265 -6.74 4.76 -15.17
CA LYS B 265 -6.28 3.74 -14.25
C LYS B 265 -5.27 2.79 -14.88
N MET B 266 -4.44 3.25 -15.81
CA MET B 266 -3.37 2.49 -16.46
C MET B 266 -2.13 3.34 -16.47
N ASN B 267 -0.93 2.76 -16.31
CA ASN B 267 0.32 3.55 -16.43
C ASN B 267 1.14 3.16 -17.71
N ASP B 268 0.69 2.18 -18.48
CA ASP B 268 1.43 1.61 -19.61
C ASP B 268 0.73 1.67 -20.94
N ALA B 269 -0.31 2.51 -21.08
CA ALA B 269 -0.97 2.67 -22.37
C ALA B 269 -0.10 3.60 -23.23
N ASP B 270 -0.01 3.30 -24.51
CA ASP B 270 0.70 4.16 -25.43
C ASP B 270 -0.31 4.58 -26.50
N SER B 271 -0.24 5.82 -26.98
CA SER B 271 -1.18 6.34 -27.95
C SER B 271 -1.33 5.50 -29.19
N THR B 272 -0.23 5.00 -29.76
CA THR B 272 -0.30 4.21 -30.99
C THR B 272 -1.16 2.94 -30.84
N SER B 273 -0.90 2.10 -29.82
CA SER B 273 -1.68 0.88 -29.67
C SER B 273 -3.13 1.15 -29.21
N VAL B 274 -3.36 2.20 -28.40
CA VAL B 274 -4.72 2.55 -27.98
C VAL B 274 -5.53 3.00 -29.20
N GLU B 275 -4.91 3.83 -30.07
CA GLU B 275 -5.60 4.29 -31.29
C GLU B 275 -5.83 3.14 -32.28
N ALA B 276 -4.93 2.15 -32.31
CA ALA B 276 -5.11 0.98 -33.15
C ALA B 276 -6.31 0.14 -32.64
N MET B 277 -6.47 -0.02 -31.30
CA MET B 277 -7.63 -0.75 -30.78
C MET B 277 -8.91 0.06 -31.03
N TYR B 278 -8.85 1.39 -30.89
CA TYR B 278 -10.01 2.24 -31.15
C TYR B 278 -10.43 2.13 -32.63
N SER B 279 -9.46 2.05 -33.54
CA SER B 279 -9.76 1.90 -34.95
C SER B 279 -10.53 0.59 -35.23
N VAL B 280 -10.15 -0.51 -34.57
CA VAL B 280 -10.85 -1.79 -34.68
C VAL B 280 -12.28 -1.64 -34.13
N ALA B 281 -12.42 -1.05 -32.93
CA ALA B 281 -13.72 -0.83 -32.28
C ALA B 281 -14.65 0.02 -33.19
N SER B 282 -14.11 1.07 -33.80
CA SER B 282 -14.85 1.96 -34.70
C SER B 282 -15.37 1.19 -35.93
N GLN B 283 -14.54 0.31 -36.50
CA GLN B 283 -14.92 -0.50 -37.66
C GLN B 283 -16.03 -1.50 -37.28
N CYS B 284 -15.93 -2.11 -36.08
CA CYS B 284 -16.92 -3.05 -35.56
C CYS B 284 -18.27 -2.37 -35.35
N LEU B 285 -18.25 -1.09 -34.96
CA LEU B 285 -19.45 -0.33 -34.68
C LEU B 285 -20.07 0.35 -35.89
N HIS B 286 -19.70 -0.06 -37.11
CA HIS B 286 -20.31 0.49 -38.31
C HIS B 286 -21.80 0.13 -38.33
N GLU B 287 -22.64 1.14 -38.58
CA GLU B 287 -24.09 1.01 -38.59
C GLU B 287 -24.58 -0.04 -39.60
N LYS B 288 -23.93 -0.12 -40.76
CA LYS B 288 -24.28 -1.07 -41.81
C LYS B 288 -23.52 -2.37 -41.55
N LYS B 289 -24.24 -3.47 -41.34
CA LYS B 289 -23.64 -4.77 -41.00
C LYS B 289 -22.61 -5.28 -42.01
N ASN B 290 -22.82 -5.01 -43.31
CA ASN B 290 -21.90 -5.47 -44.35
C ASN B 290 -20.60 -4.65 -44.41
N LYS B 291 -20.58 -3.47 -43.78
CA LYS B 291 -19.37 -2.65 -43.76
C LYS B 291 -18.44 -3.01 -42.58
N ARG B 292 -18.89 -3.84 -41.63
CA ARG B 292 -18.08 -4.26 -40.49
C ARG B 292 -17.09 -5.31 -40.93
N PRO B 293 -15.89 -5.34 -40.32
CA PRO B 293 -14.96 -6.44 -40.63
C PRO B 293 -15.49 -7.77 -40.07
N ASP B 294 -15.07 -8.89 -40.65
CA ASP B 294 -15.41 -10.19 -40.08
C ASP B 294 -14.45 -10.49 -38.89
N ILE B 295 -14.71 -11.55 -38.11
CA ILE B 295 -13.89 -11.86 -36.93
C ILE B 295 -12.41 -12.18 -37.29
N LYS B 296 -12.14 -12.78 -38.45
CA LYS B 296 -10.77 -13.05 -38.88
C LYS B 296 -9.98 -11.74 -39.06
N LYS B 297 -10.63 -10.70 -39.63
CA LYS B 297 -10.01 -9.41 -39.83
C LYS B 297 -9.78 -8.71 -38.48
N VAL B 298 -10.76 -8.83 -37.56
CA VAL B 298 -10.63 -8.28 -36.20
C VAL B 298 -9.42 -8.92 -35.48
N GLN B 299 -9.28 -10.25 -35.56
CA GLN B 299 -8.15 -11.00 -34.98
C GLN B 299 -6.82 -10.44 -35.56
N GLN B 300 -6.73 -10.34 -36.90
CA GLN B 300 -5.56 -9.84 -37.61
C GLN B 300 -5.18 -8.44 -37.13
N LEU B 301 -6.17 -7.53 -37.05
CA LEU B 301 -5.89 -6.17 -36.61
C LEU B 301 -5.44 -6.12 -35.14
N LEU B 302 -6.00 -7.00 -34.29
CA LEU B 302 -5.62 -7.04 -32.89
C LEU B 302 -4.20 -7.59 -32.70
N GLN B 303 -3.76 -8.49 -33.59
CA GLN B 303 -2.42 -9.03 -33.57
C GLN B 303 -1.42 -7.97 -34.03
N GLU B 304 -1.75 -7.22 -35.08
CA GLU B 304 -0.88 -6.16 -35.60
C GLU B 304 -0.73 -5.02 -34.57
N MET B 305 -1.72 -4.84 -33.69
CA MET B 305 -1.72 -3.83 -32.62
C MET B 305 -0.53 -4.07 -31.67
N THR B 306 -0.25 -5.32 -31.33
CA THR B 306 0.87 -5.63 -30.44
C THR B 306 2.12 -6.14 -31.17
N ALA B 307 2.05 -6.36 -32.51
CA ALA B 307 3.18 -6.86 -33.31
C ALA B 307 4.41 -5.95 -33.15
N SER B 308 5.49 -6.48 -32.55
CA SER B 308 6.69 -5.67 -32.31
C SER B 308 7.89 -6.20 -33.09
N ARG C 12 16.65 27.51 11.02
CA ARG C 12 15.55 26.54 11.01
C ARG C 12 15.39 25.82 9.64
N PHE C 13 15.18 26.57 8.54
CA PHE C 13 15.01 25.97 7.21
C PHE C 13 16.31 25.98 6.37
N HIS C 14 16.41 25.11 5.33
CA HIS C 14 17.60 25.07 4.48
C HIS C 14 17.54 26.18 3.45
N SER C 15 18.60 26.98 3.36
CA SER C 15 18.65 28.04 2.36
C SER C 15 19.37 27.49 1.11
N PHE C 16 18.62 27.44 -0.01
CA PHE C 16 19.15 27.00 -1.29
C PHE C 16 19.40 28.24 -2.17
N SER C 17 20.23 28.10 -3.19
CA SER C 17 20.39 29.10 -4.22
C SER C 17 19.60 28.52 -5.40
N PHE C 18 19.00 29.38 -6.22
CA PHE C 18 18.25 28.96 -7.41
C PHE C 18 19.03 28.00 -8.30
N TYR C 19 20.36 28.21 -8.49
CA TYR C 19 21.18 27.34 -9.35
C TYR C 19 21.17 25.86 -8.85
N GLU C 20 21.08 25.65 -7.54
CA GLU C 20 21.01 24.30 -6.98
C GLU C 20 19.69 23.65 -7.34
N LEU C 21 18.58 24.39 -7.26
CA LEU C 21 17.27 23.81 -7.55
C LEU C 21 17.08 23.56 -9.04
N LYS C 22 17.68 24.41 -9.89
CA LYS C 22 17.67 24.23 -11.33
C LYS C 22 18.41 22.91 -11.68
N ASN C 23 19.51 22.60 -10.99
CA ASN C 23 20.29 21.39 -11.24
C ASN C 23 19.58 20.09 -10.81
N VAL C 24 18.80 20.12 -9.73
CA VAL C 24 18.15 18.90 -9.21
C VAL C 24 16.70 18.70 -9.74
N THR C 25 16.19 19.63 -10.57
CA THR C 25 14.85 19.44 -11.17
C THR C 25 14.93 19.34 -12.71
N ASN C 26 16.13 19.02 -13.25
CA ASN C 26 16.43 18.95 -14.68
C ASN C 26 16.07 20.27 -15.36
N ASN C 27 16.48 21.39 -14.72
CA ASN C 27 16.22 22.78 -15.11
C ASN C 27 14.71 23.05 -15.18
N PHE C 28 13.97 22.65 -14.12
CA PHE C 28 12.53 22.81 -14.03
C PHE C 28 11.81 22.25 -15.25
N ASP C 29 12.05 21.00 -15.57
CA ASP C 29 11.43 20.36 -16.74
C ASP C 29 9.92 20.23 -16.46
N GLU C 30 9.11 21.11 -17.07
CA GLU C 30 7.66 21.22 -16.89
C GLU C 30 6.86 20.09 -17.47
N ARG C 31 7.45 19.15 -18.19
CA ARG C 31 6.70 18.02 -18.70
C ARG C 31 6.25 17.14 -17.54
N PRO C 32 5.08 16.49 -17.65
CA PRO C 32 4.66 15.59 -16.56
C PRO C 32 5.68 14.45 -16.39
N ILE C 33 5.73 13.88 -15.20
CA ILE C 33 6.67 12.79 -14.90
C ILE C 33 6.46 11.58 -15.82
N SER C 34 5.22 11.29 -16.19
CA SER C 34 4.93 10.15 -17.09
C SER C 34 5.57 10.31 -18.46
N VAL C 35 5.69 11.58 -18.90
CA VAL C 35 6.28 11.97 -20.19
C VAL C 35 7.81 12.24 -20.11
N GLY C 36 8.46 11.95 -18.98
CA GLY C 36 9.90 12.12 -18.84
C GLY C 36 10.38 13.41 -18.17
N GLY C 37 9.44 14.20 -17.67
CA GLY C 37 9.74 15.48 -17.03
C GLY C 37 9.67 15.44 -15.52
N ASN C 38 9.56 16.62 -14.88
CA ASN C 38 9.55 16.69 -13.42
C ASN C 38 8.28 17.27 -12.79
N LYS C 39 7.32 17.72 -13.58
CA LYS C 39 6.10 18.34 -13.05
C LYS C 39 5.20 17.35 -12.35
N MET C 40 4.81 17.67 -11.11
CA MET C 40 3.94 16.84 -10.24
C MET C 40 2.57 17.48 -9.99
N GLY C 41 2.51 18.80 -10.00
CA GLY C 41 1.30 19.57 -9.77
C GLY C 41 1.41 20.99 -10.32
N GLU C 42 0.27 21.65 -10.59
CA GLU C 42 0.30 23.02 -11.10
C GLU C 42 -1.00 23.74 -10.83
N GLY C 43 -0.92 25.07 -10.75
CA GLY C 43 -2.06 25.93 -10.50
C GLY C 43 -1.67 27.40 -10.49
N GLY C 44 -2.50 28.22 -9.85
CA GLY C 44 -2.29 29.66 -9.75
C GLY C 44 -1.07 30.03 -8.93
N PHE C 45 -0.81 29.24 -7.87
CA PHE C 45 0.32 29.35 -6.93
C PHE C 45 1.70 29.32 -7.65
N GLY C 46 1.83 28.37 -8.56
CA GLY C 46 3.02 28.07 -9.32
C GLY C 46 2.96 26.64 -9.78
N VAL C 47 4.10 26.03 -10.00
CA VAL C 47 4.20 24.65 -10.47
C VAL C 47 5.07 23.89 -9.45
N VAL C 48 4.73 22.61 -9.17
CA VAL C 48 5.48 21.74 -8.25
C VAL C 48 6.29 20.76 -9.07
N TYR C 49 7.59 20.69 -8.82
CA TYR C 49 8.48 19.77 -9.51
C TYR C 49 9.15 18.79 -8.57
N LYS C 50 9.45 17.59 -9.08
CA LYS C 50 10.19 16.59 -8.32
C LYS C 50 11.69 16.96 -8.41
N GLY C 51 12.37 16.92 -7.30
CA GLY C 51 13.79 17.20 -7.24
C GLY C 51 14.51 16.07 -6.51
N TYR C 52 15.80 15.91 -6.75
CA TYR C 52 16.58 14.85 -6.07
C TYR C 52 17.87 15.47 -5.66
N VAL C 53 17.99 15.77 -4.37
CA VAL C 53 19.08 16.53 -3.78
C VAL C 53 19.61 15.90 -2.48
N ASN C 54 20.92 15.69 -2.41
CA ASN C 54 21.60 15.14 -1.24
C ASN C 54 20.98 13.83 -0.78
N ASN C 55 20.83 12.89 -1.72
CA ASN C 55 20.20 11.58 -1.54
C ASN C 55 18.76 11.65 -1.06
N THR C 56 18.10 12.78 -1.27
CA THR C 56 16.74 12.96 -0.81
C THR C 56 15.85 13.42 -1.95
N THR C 57 14.68 12.79 -2.11
CA THR C 57 13.71 13.25 -3.10
C THR C 57 12.89 14.38 -2.44
N VAL C 58 12.68 15.51 -3.14
CA VAL C 58 11.95 16.62 -2.59
C VAL C 58 10.92 17.13 -3.64
N ALA C 59 9.97 17.99 -3.20
CA ALA C 59 9.04 18.65 -4.07
C ALA C 59 9.46 20.15 -4.08
N VAL C 60 9.65 20.75 -5.24
CA VAL C 60 10.06 22.15 -5.37
C VAL C 60 8.94 22.93 -6.03
N LYS C 61 8.39 23.92 -5.32
CA LYS C 61 7.35 24.76 -5.89
C LYS C 61 8.01 26.04 -6.38
N LYS C 62 8.03 26.26 -7.69
CA LYS C 62 8.58 27.49 -8.22
C LYS C 62 7.40 28.46 -8.36
N LEU C 63 7.43 29.56 -7.60
CA LEU C 63 6.34 30.53 -7.58
C LEU C 63 6.22 31.30 -8.89
N ALA C 64 4.99 31.43 -9.42
CA ALA C 64 4.79 32.18 -10.66
C ALA C 64 4.34 33.60 -10.36
N THR C 70 2.05 41.14 -9.27
CA THR C 70 3.10 42.13 -8.94
C THR C 70 4.39 41.42 -8.52
N THR C 71 5.56 41.87 -9.02
CA THR C 71 6.86 41.28 -8.67
C THR C 71 7.26 41.55 -7.19
N GLU C 72 6.69 42.58 -6.57
CA GLU C 72 6.93 42.87 -5.15
C GLU C 72 5.85 42.20 -4.30
N GLU C 73 4.61 42.12 -4.81
CA GLU C 73 3.46 41.48 -4.19
C GLU C 73 3.70 39.96 -4.05
N LEU C 74 4.38 39.34 -5.04
CA LEU C 74 4.71 37.92 -5.04
C LEU C 74 5.75 37.61 -3.96
N LYS C 75 6.73 38.53 -3.77
CA LYS C 75 7.75 38.38 -2.72
C LYS C 75 7.09 38.39 -1.35
N GLN C 76 6.03 39.20 -1.16
CA GLN C 76 5.30 39.23 0.09
C GLN C 76 4.50 37.94 0.33
N GLN C 77 3.93 37.35 -0.71
CA GLN C 77 3.19 36.08 -0.67
C GLN C 77 4.13 34.89 -0.34
N PHE C 78 5.39 34.98 -0.81
CA PHE C 78 6.45 33.99 -0.54
C PHE C 78 6.83 34.09 0.96
N ASP C 79 7.17 35.34 1.44
CA ASP C 79 7.54 35.62 2.83
C ASP C 79 6.44 35.20 3.81
N GLN C 80 5.18 35.37 3.40
CA GLN C 80 4.01 35.01 4.19
C GLN C 80 3.89 33.48 4.31
N GLU C 81 4.18 32.74 3.23
CA GLU C 81 4.10 31.28 3.28
C GLU C 81 5.19 30.65 4.16
N ILE C 82 6.38 31.28 4.21
CA ILE C 82 7.45 30.83 5.08
C ILE C 82 7.08 31.10 6.54
N LYS C 83 6.39 32.22 6.81
CA LYS C 83 5.88 32.60 8.13
C LYS C 83 4.86 31.56 8.62
N VAL C 84 3.88 31.19 7.78
CA VAL C 84 2.87 30.18 8.11
C VAL C 84 3.55 28.85 8.38
N MET C 85 4.49 28.48 7.52
CA MET C 85 5.22 27.23 7.64
C MET C 85 6.06 27.13 8.89
N ALA C 86 6.69 28.25 9.31
CA ALA C 86 7.51 28.29 10.52
C ALA C 86 6.68 28.06 11.78
N LYS C 87 5.42 28.54 11.77
CA LYS C 87 4.51 28.39 12.91
C LYS C 87 3.68 27.11 12.85
N CYS C 88 3.47 26.58 11.64
CA CYS C 88 2.61 25.43 11.43
C CYS C 88 3.35 24.15 11.10
N GLN C 89 3.81 23.46 12.15
CA GLN C 89 4.52 22.20 12.08
C GLN C 89 3.65 21.16 12.76
N HIS C 90 3.24 20.14 11.99
CA HIS C 90 2.31 19.12 12.46
C HIS C 90 2.40 17.95 11.49
N GLU C 91 2.24 16.72 11.99
CA GLU C 91 2.31 15.53 11.13
C GLU C 91 1.26 15.48 10.01
N ASN C 92 0.13 16.18 10.14
CA ASN C 92 -0.91 16.17 9.11
C ASN C 92 -0.88 17.41 8.21
N LEU C 93 0.29 18.10 8.17
CA LEU C 93 0.53 19.20 7.26
C LEU C 93 1.83 18.86 6.51
N VAL C 94 1.93 19.27 5.24
CA VAL C 94 3.15 19.08 4.48
C VAL C 94 4.28 19.91 5.12
N GLU C 95 5.45 19.33 5.28
CA GLU C 95 6.57 20.01 5.92
C GLU C 95 7.42 20.82 4.94
N LEU C 96 7.73 22.07 5.25
CA LEU C 96 8.64 22.89 4.42
C LEU C 96 10.07 22.58 4.86
N LEU C 97 10.94 22.29 3.89
CA LEU C 97 12.35 21.99 4.14
C LEU C 97 13.26 23.18 3.95
N GLY C 98 12.94 24.01 2.98
CA GLY C 98 13.78 25.14 2.66
C GLY C 98 13.20 26.02 1.58
N PHE C 99 14.04 26.89 1.04
CA PHE C 99 13.58 27.89 0.10
C PHE C 99 14.72 28.53 -0.66
N SER C 100 14.36 29.24 -1.71
CA SER C 100 15.29 29.95 -2.55
C SER C 100 14.71 31.36 -2.77
N SER C 101 15.50 32.44 -2.57
CA SER C 101 14.96 33.79 -2.85
C SER C 101 15.95 34.74 -3.52
N ASP C 102 17.05 34.22 -4.03
CA ASP C 102 18.03 35.01 -4.76
C ASP C 102 17.51 35.35 -6.19
N GLY C 103 17.29 36.65 -6.44
CA GLY C 103 16.80 37.17 -7.72
C GLY C 103 15.29 37.31 -7.85
N ASP C 104 14.80 37.24 -9.09
CA ASP C 104 13.35 37.29 -9.37
C ASP C 104 12.69 35.91 -9.19
N ASP C 105 13.48 34.86 -8.97
CA ASP C 105 12.96 33.51 -8.82
C ASP C 105 12.75 33.18 -7.34
N LEU C 106 11.58 32.63 -6.98
CA LEU C 106 11.26 32.26 -5.61
C LEU C 106 10.80 30.80 -5.60
N CYS C 107 11.49 29.96 -4.80
CA CYS C 107 11.19 28.54 -4.69
C CYS C 107 10.95 28.14 -3.28
N LEU C 108 10.07 27.18 -3.08
CA LEU C 108 9.80 26.60 -1.77
C LEU C 108 10.02 25.09 -1.89
N VAL C 109 10.78 24.51 -0.99
CA VAL C 109 11.13 23.09 -1.05
C VAL C 109 10.43 22.32 0.07
N TYR C 110 9.72 21.25 -0.25
CA TYR C 110 8.94 20.49 0.72
C TYR C 110 9.33 19.02 0.76
N VAL C 111 8.88 18.33 1.81
CA VAL C 111 9.05 16.89 1.93
C VAL C 111 8.24 16.21 0.81
N TYR C 112 8.87 15.28 0.11
CA TYR C 112 8.24 14.56 -0.99
C TYR C 112 7.17 13.55 -0.47
N MET C 113 6.02 13.46 -1.18
CA MET C 113 4.86 12.62 -0.84
C MET C 113 4.73 11.50 -1.88
N PRO C 114 5.35 10.34 -1.65
CA PRO C 114 5.34 9.28 -2.67
C PRO C 114 3.96 8.76 -3.09
N ASN C 115 2.91 8.88 -2.24
CA ASN C 115 1.60 8.41 -2.70
C ASN C 115 0.70 9.52 -3.27
N GLY C 116 1.28 10.66 -3.62
CA GLY C 116 0.57 11.76 -4.25
C GLY C 116 -0.67 12.25 -3.53
N SER C 117 -1.62 12.74 -4.30
CA SER C 117 -2.83 13.31 -3.74
C SER C 117 -3.94 12.30 -3.53
N LEU C 118 -4.83 12.60 -2.58
CA LEU C 118 -6.03 11.81 -2.32
C LEU C 118 -6.93 11.79 -3.59
N LEU C 119 -6.92 12.87 -4.38
CA LEU C 119 -7.71 12.96 -5.62
C LEU C 119 -7.30 11.83 -6.58
N ASP C 120 -5.99 11.68 -6.78
CA ASP C 120 -5.45 10.69 -7.70
C ASP C 120 -5.55 9.28 -7.13
N ARG C 121 -5.48 9.12 -5.81
CA ARG C 121 -5.65 7.78 -5.21
C ARG C 121 -7.10 7.33 -5.24
N LEU C 122 -8.05 8.28 -5.16
CA LEU C 122 -9.47 7.94 -5.26
C LEU C 122 -9.81 7.54 -6.71
N SER C 123 -9.18 8.19 -7.71
CA SER C 123 -9.42 7.81 -9.10
C SER C 123 -8.59 6.61 -9.56
N CYS C 124 -7.61 6.17 -8.73
CA CYS C 124 -6.68 5.09 -9.05
C CYS C 124 -5.80 5.45 -10.22
N LEU C 125 -5.42 6.74 -10.35
CA LEU C 125 -4.58 7.25 -11.43
C LEU C 125 -3.28 6.46 -11.53
N ASP C 126 -2.91 6.07 -12.76
CA ASP C 126 -1.71 5.31 -13.08
C ASP C 126 -1.70 3.88 -12.56
N GLY C 127 -2.88 3.33 -12.30
CA GLY C 127 -3.05 1.93 -11.94
C GLY C 127 -2.85 1.54 -10.50
N THR C 128 -2.91 2.53 -9.58
CA THR C 128 -2.75 2.24 -8.16
C THR C 128 -3.98 1.51 -7.64
N PRO C 129 -3.82 0.62 -6.66
CA PRO C 129 -5.00 -0.11 -6.13
C PRO C 129 -5.95 0.80 -5.38
N PRO C 130 -7.26 0.50 -5.42
CA PRO C 130 -8.23 1.33 -4.66
C PRO C 130 -7.96 1.34 -3.16
N LEU C 131 -8.23 2.44 -2.50
CA LEU C 131 -8.07 2.55 -1.04
C LEU C 131 -9.19 1.80 -0.33
N SER C 132 -8.83 1.04 0.71
CA SER C 132 -9.84 0.33 1.51
C SER C 132 -10.66 1.36 2.34
N TRP C 133 -11.82 0.97 2.83
CA TRP C 133 -12.62 1.81 3.70
C TRP C 133 -11.88 2.15 4.99
N HIS C 134 -11.14 1.18 5.53
CA HIS C 134 -10.33 1.39 6.73
C HIS C 134 -9.30 2.49 6.49
N MET C 135 -8.56 2.45 5.37
CA MET C 135 -7.58 3.50 5.07
C MET C 135 -8.25 4.87 4.83
N ARG C 136 -9.43 4.88 4.19
CA ARG C 136 -10.15 6.13 3.94
C ARG C 136 -10.58 6.80 5.25
N CYS C 137 -10.97 6.00 6.26
CA CYS C 137 -11.35 6.55 7.56
C CYS C 137 -10.11 7.16 8.23
N LYS C 138 -8.94 6.50 8.11
CA LYS C 138 -7.71 7.03 8.69
C LYS C 138 -7.30 8.32 8.00
N ILE C 139 -7.43 8.37 6.69
CA ILE C 139 -7.11 9.58 5.93
C ILE C 139 -8.06 10.74 6.28
N ALA C 140 -9.37 10.46 6.43
CA ALA C 140 -10.32 11.51 6.79
C ALA C 140 -9.99 12.09 8.17
N GLN C 141 -9.63 11.21 9.14
CA GLN C 141 -9.27 11.62 10.52
C GLN C 141 -7.97 12.42 10.48
N GLY C 142 -6.97 11.95 9.73
CA GLY C 142 -5.71 12.65 9.54
C GLY C 142 -5.90 14.04 8.95
N ALA C 143 -6.67 14.17 7.85
CA ALA C 143 -6.95 15.46 7.23
C ALA C 143 -7.64 16.41 8.23
N ALA C 144 -8.64 15.90 8.99
CA ALA C 144 -9.34 16.71 10.01
C ALA C 144 -8.36 17.15 11.11
N ASN C 145 -7.38 16.31 11.48
CA ASN C 145 -6.37 16.70 12.47
C ASN C 145 -5.48 17.83 11.94
N GLY C 146 -5.20 17.84 10.63
CA GLY C 146 -4.42 18.90 10.00
C GLY C 146 -5.16 20.24 9.94
N ILE C 147 -6.47 20.21 9.63
CA ILE C 147 -7.31 21.42 9.59
C ILE C 147 -7.50 21.94 11.01
N ASN C 148 -7.66 21.05 12.01
CA ASN C 148 -7.79 21.49 13.40
C ASN C 148 -6.56 22.25 13.85
N PHE C 149 -5.34 21.78 13.49
CA PHE C 149 -4.11 22.49 13.83
C PHE C 149 -4.11 23.91 13.22
N LEU C 150 -4.51 24.05 11.97
CA LEU C 150 -4.59 25.35 11.30
C LEU C 150 -5.57 26.28 11.98
N HIS C 151 -6.77 25.77 12.33
CA HIS C 151 -7.80 26.62 12.95
C HIS C 151 -7.46 26.96 14.37
N GLU C 152 -6.81 26.05 15.12
CA GLU C 152 -6.35 26.34 16.48
C GLU C 152 -5.30 27.46 16.45
N ASN C 153 -4.52 27.55 15.36
CA ASN C 153 -3.52 28.57 15.23
C ASN C 153 -3.99 29.77 14.37
N HIS C 154 -5.33 29.95 14.27
CA HIS C 154 -6.03 31.06 13.63
C HIS C 154 -5.68 31.25 12.15
N HIS C 155 -5.66 30.15 11.38
CA HIS C 155 -5.40 30.20 9.95
C HIS C 155 -6.60 29.62 9.20
N ILE C 156 -6.96 30.25 8.10
CA ILE C 156 -8.02 29.78 7.24
C ILE C 156 -7.31 29.31 5.97
N HIS C 157 -7.46 28.05 5.59
CA HIS C 157 -6.78 27.48 4.42
C HIS C 157 -7.28 28.11 3.12
N ARG C 158 -8.61 28.13 2.90
CA ARG C 158 -9.31 28.70 1.74
C ARG C 158 -9.30 27.83 0.49
N ASP C 159 -8.54 26.71 0.47
CA ASP C 159 -8.57 25.83 -0.69
C ASP C 159 -8.49 24.34 -0.33
N ILE C 160 -9.32 23.91 0.62
CA ILE C 160 -9.37 22.50 1.03
C ILE C 160 -10.05 21.74 -0.09
N LYS C 161 -9.38 20.71 -0.58
CA LYS C 161 -9.85 19.84 -1.64
C LYS C 161 -8.99 18.58 -1.68
N SER C 162 -9.48 17.49 -2.30
CA SER C 162 -8.70 16.24 -2.33
C SER C 162 -7.34 16.37 -3.06
N ALA C 163 -7.19 17.31 -4.03
CA ALA C 163 -5.90 17.54 -4.69
C ALA C 163 -4.88 18.14 -3.70
N ASN C 164 -5.35 18.80 -2.61
CA ASN C 164 -4.52 19.40 -1.57
C ASN C 164 -4.42 18.54 -0.30
N ILE C 165 -4.70 17.25 -0.41
CA ILE C 165 -4.51 16.31 0.70
C ILE C 165 -3.52 15.30 0.14
N LEU C 166 -2.25 15.41 0.53
CA LEU C 166 -1.21 14.53 0.03
C LEU C 166 -0.97 13.35 0.95
N LEU C 167 -0.38 12.29 0.44
CA LEU C 167 -0.21 11.03 1.14
C LEU C 167 1.26 10.56 1.16
N ASP C 168 1.81 10.37 2.36
CA ASP C 168 3.19 9.89 2.47
C ASP C 168 3.28 8.34 2.26
N GLU C 169 4.46 7.75 2.51
CA GLU C 169 4.74 6.32 2.33
C GLU C 169 3.77 5.42 3.13
N ALA C 170 3.27 5.88 4.30
CA ALA C 170 2.30 5.15 5.09
C ALA C 170 0.84 5.65 4.85
N PHE C 171 0.59 6.44 3.79
CA PHE C 171 -0.74 6.99 3.50
C PHE C 171 -1.27 7.90 4.63
N THR C 172 -0.33 8.58 5.35
CA THR C 172 -0.71 9.59 6.32
C THR C 172 -1.12 10.82 5.52
N ALA C 173 -2.28 11.43 5.84
CA ALA C 173 -2.80 12.60 5.16
C ALA C 173 -2.00 13.86 5.50
N LYS C 174 -1.59 14.61 4.48
CA LYS C 174 -0.81 15.81 4.63
C LYS C 174 -1.51 16.98 3.91
N ILE C 175 -2.08 17.96 4.65
CA ILE C 175 -2.73 19.13 4.04
C ILE C 175 -1.62 19.96 3.38
N SER C 176 -1.81 20.33 2.11
CA SER C 176 -0.81 21.12 1.39
C SER C 176 -1.42 22.46 0.88
N ASP C 177 -0.57 23.33 0.29
CA ASP C 177 -0.94 24.62 -0.24
C ASP C 177 -1.69 25.46 0.79
N PHE C 178 -1.12 25.61 1.96
CA PHE C 178 -1.72 26.36 3.06
C PHE C 178 -0.94 27.63 3.42
N GLY C 179 -0.14 28.14 2.49
CA GLY C 179 0.57 29.41 2.69
C GLY C 179 -0.34 30.57 2.38
N LEU C 180 -1.25 30.42 1.39
CA LEU C 180 -2.25 31.45 1.11
C LEU C 180 -3.23 31.59 2.33
N ALA C 181 -3.01 30.76 3.40
CA ALA C 181 -3.77 30.72 4.62
C ALA C 181 -3.77 32.07 5.25
N ARG C 182 -4.95 32.64 5.26
CA ARG C 182 -5.14 33.93 5.88
C ARG C 182 -5.19 33.81 7.41
N ALA C 183 -4.83 34.89 8.13
CA ALA C 183 -4.90 34.89 9.60
C ALA C 183 -6.35 35.11 10.09
N GLN C 189 -19.56 37.41 10.00
CA GLN C 189 -18.19 36.94 10.25
C GLN C 189 -17.10 38.00 9.97
N THR C 190 -17.51 39.28 9.86
CA THR C 190 -16.77 40.53 9.69
C THR C 190 -15.67 40.63 8.58
N VAL C 191 -15.21 39.52 7.91
CA VAL C 191 -14.14 39.70 6.92
C VAL C 191 -14.58 39.43 5.48
N MET C 192 -14.44 40.46 4.62
CA MET C 192 -14.77 40.35 3.21
C MET C 192 -13.53 40.59 2.33
N ARG C 195 -10.93 39.82 -3.89
CA ARG C 195 -10.23 38.86 -4.72
C ARG C 195 -10.63 37.47 -4.23
N ILE C 196 -11.72 36.92 -4.81
CA ILE C 196 -12.27 35.63 -4.42
C ILE C 196 -11.46 34.50 -4.97
N VAL C 197 -10.84 33.71 -4.08
CA VAL C 197 -10.03 32.57 -4.48
C VAL C 197 -10.57 31.27 -3.84
N GLY C 198 -10.21 30.16 -4.44
CA GLY C 198 -10.67 28.84 -4.04
C GLY C 198 -11.07 28.00 -5.24
N THR C 199 -11.60 26.80 -5.02
CA THR C 199 -12.01 25.92 -6.11
C THR C 199 -13.53 25.78 -6.07
N THR C 200 -14.22 26.27 -7.12
CA THR C 200 -15.69 26.35 -7.22
C THR C 200 -16.48 25.12 -6.71
N ALA C 201 -16.12 23.92 -7.16
CA ALA C 201 -16.83 22.70 -6.79
C ALA C 201 -16.75 22.34 -5.29
N TYR C 202 -15.86 23.02 -4.53
CA TYR C 202 -15.68 22.79 -3.09
C TYR C 202 -16.11 23.98 -2.25
N MET C 203 -16.40 25.14 -2.86
CA MET C 203 -16.66 26.35 -2.12
C MET C 203 -18.04 26.44 -1.52
N ALA C 204 -18.07 27.01 -0.31
CA ALA C 204 -19.30 27.31 0.40
C ALA C 204 -19.97 28.53 -0.28
N PRO C 205 -21.30 28.68 -0.14
CA PRO C 205 -21.96 29.84 -0.77
C PRO C 205 -21.37 31.19 -0.31
N GLU C 206 -21.05 31.35 1.00
CA GLU C 206 -20.51 32.61 1.49
C GLU C 206 -19.09 32.88 0.97
N ALA C 207 -18.30 31.83 0.73
CA ALA C 207 -16.95 31.99 0.16
C ALA C 207 -17.06 32.46 -1.29
N LEU C 208 -18.04 31.93 -2.06
CA LEU C 208 -18.29 32.36 -3.44
C LEU C 208 -18.74 33.84 -3.50
N ARG C 209 -19.24 34.40 -2.37
CA ARG C 209 -19.66 35.79 -2.26
C ARG C 209 -18.57 36.73 -1.75
N GLY C 210 -17.44 36.20 -1.31
CA GLY C 210 -16.35 37.03 -0.84
C GLY C 210 -16.07 36.98 0.65
N GLU C 211 -16.81 36.19 1.42
CA GLU C 211 -16.56 36.10 2.86
C GLU C 211 -15.32 35.26 3.13
N ILE C 212 -14.55 35.62 4.18
CA ILE C 212 -13.38 34.90 4.63
C ILE C 212 -13.65 34.37 6.01
N THR C 213 -13.86 33.05 6.15
CA THR C 213 -14.20 32.45 7.44
C THR C 213 -13.73 30.98 7.50
N PRO C 214 -13.28 30.52 8.70
CA PRO C 214 -12.93 29.11 8.83
C PRO C 214 -14.11 28.16 8.60
N LYS C 215 -15.36 28.66 8.70
CA LYS C 215 -16.56 27.88 8.43
C LYS C 215 -16.62 27.41 6.97
N SER C 216 -16.01 28.17 6.05
CA SER C 216 -15.95 27.75 4.65
C SER C 216 -15.04 26.53 4.48
N ASP C 217 -13.94 26.43 5.28
CA ASP C 217 -13.04 25.26 5.22
C ASP C 217 -13.81 23.97 5.57
N ILE C 218 -14.72 24.06 6.56
CA ILE C 218 -15.56 22.96 7.00
C ILE C 218 -16.45 22.47 5.84
N TYR C 219 -17.06 23.40 5.10
CA TYR C 219 -17.90 23.07 3.95
C TYR C 219 -17.09 22.29 2.89
N SER C 220 -15.91 22.80 2.55
CA SER C 220 -15.03 22.16 1.58
C SER C 220 -14.63 20.75 2.03
N PHE C 221 -14.37 20.58 3.33
CA PHE C 221 -14.02 19.28 3.90
C PHE C 221 -15.19 18.29 3.75
N GLY C 222 -16.42 18.78 3.82
CA GLY C 222 -17.60 17.94 3.61
C GLY C 222 -17.66 17.40 2.20
N VAL C 223 -17.25 18.22 1.19
CA VAL C 223 -17.16 17.74 -0.20
C VAL C 223 -16.09 16.64 -0.26
N VAL C 224 -14.92 16.84 0.41
CA VAL C 224 -13.86 15.81 0.45
C VAL C 224 -14.40 14.48 1.03
N LEU C 225 -15.20 14.55 2.10
CA LEU C 225 -15.79 13.36 2.69
C LEU C 225 -16.71 12.63 1.71
N LEU C 226 -17.44 13.37 0.87
CA LEU C 226 -18.29 12.76 -0.16
C LEU C 226 -17.41 12.06 -1.20
N GLU C 227 -16.27 12.67 -1.57
CA GLU C 227 -15.34 12.05 -2.52
C GLU C 227 -14.80 10.74 -1.94
N ILE C 228 -14.53 10.70 -0.63
CA ILE C 228 -14.02 9.53 0.05
C ILE C 228 -15.06 8.39 0.06
N ILE C 229 -16.31 8.73 0.34
CA ILE C 229 -17.37 7.72 0.36
C ILE C 229 -17.66 7.14 -1.02
N THR C 230 -17.78 8.03 -2.03
CA THR C 230 -18.21 7.67 -3.37
C THR C 230 -17.13 7.31 -4.37
N GLY C 231 -15.91 7.80 -4.16
CA GLY C 231 -14.84 7.64 -5.14
C GLY C 231 -15.00 8.55 -6.37
N LEU C 232 -16.00 9.43 -6.34
CA LEU C 232 -16.29 10.32 -7.47
C LEU C 232 -15.61 11.68 -7.35
N PRO C 233 -15.23 12.29 -8.48
CA PRO C 233 -14.67 13.64 -8.43
C PRO C 233 -15.72 14.68 -8.04
N ALA C 234 -15.31 15.79 -7.39
CA ALA C 234 -16.23 16.86 -6.97
C ALA C 234 -17.01 17.47 -8.14
N VAL C 235 -16.43 17.46 -9.34
CA VAL C 235 -17.10 18.00 -10.52
C VAL C 235 -16.84 17.05 -11.72
N ASP C 236 -17.87 16.77 -12.50
CA ASP C 236 -17.74 15.96 -13.72
C ASP C 236 -18.73 16.56 -14.68
N GLU C 237 -18.23 17.21 -15.76
CA GLU C 237 -19.11 17.88 -16.72
C GLU C 237 -20.03 16.94 -17.45
N HIS C 238 -19.64 15.65 -17.60
CA HIS C 238 -20.52 14.70 -18.27
C HIS C 238 -21.36 13.88 -17.28
N ARG C 239 -21.58 14.38 -16.06
CA ARG C 239 -22.38 13.65 -15.06
C ARG C 239 -23.61 14.40 -14.62
N GLU C 240 -24.63 13.67 -14.15
CA GLU C 240 -25.82 14.23 -13.54
C GLU C 240 -25.88 13.66 -12.11
N PRO C 241 -25.70 14.49 -11.06
CA PRO C 241 -25.45 15.94 -11.10
C PRO C 241 -24.00 16.25 -11.40
N GLN C 242 -23.73 17.42 -11.98
CA GLN C 242 -22.37 17.82 -12.34
C GLN C 242 -21.51 17.99 -11.08
N LEU C 243 -22.09 18.61 -10.03
CA LEU C 243 -21.38 18.86 -8.78
C LEU C 243 -21.72 17.81 -7.76
N LEU C 244 -20.71 17.17 -7.17
CA LEU C 244 -20.91 16.12 -6.18
C LEU C 244 -21.71 16.58 -4.97
N LEU C 245 -21.53 17.85 -4.51
CA LEU C 245 -22.27 18.34 -3.34
C LEU C 245 -23.79 18.26 -3.54
N ASP C 246 -24.28 18.20 -4.81
CA ASP C 246 -25.70 18.12 -5.11
C ASP C 246 -26.32 16.78 -4.76
N ILE C 247 -25.52 15.72 -4.55
CA ILE C 247 -26.08 14.41 -4.16
C ILE C 247 -26.75 14.48 -2.79
N LYS C 248 -26.33 15.41 -1.93
CA LYS C 248 -26.91 15.59 -0.60
C LYS C 248 -28.41 15.90 -0.71
N GLU C 249 -28.81 16.72 -1.70
CA GLU C 249 -30.21 17.05 -1.95
C GLU C 249 -30.99 15.88 -2.51
N GLU C 250 -30.38 15.09 -3.41
CA GLU C 250 -31.00 13.88 -3.96
C GLU C 250 -31.37 12.90 -2.82
N ILE C 251 -30.45 12.71 -1.86
CA ILE C 251 -30.64 11.82 -0.72
C ILE C 251 -31.67 12.38 0.26
N GLU C 252 -31.69 13.70 0.45
CA GLU C 252 -32.66 14.34 1.34
C GLU C 252 -34.07 14.25 0.76
N ASP C 253 -34.20 14.45 -0.56
CA ASP C 253 -35.49 14.35 -1.25
C ASP C 253 -35.93 12.91 -1.56
N GLU C 254 -35.12 11.91 -1.15
CA GLU C 254 -35.32 10.46 -1.30
C GLU C 254 -35.38 9.98 -2.76
N GLU C 255 -34.75 10.71 -3.66
CA GLU C 255 -34.59 10.28 -5.06
C GLU C 255 -33.48 9.19 -5.15
N LYS C 256 -32.50 9.23 -4.22
CA LYS C 256 -31.36 8.31 -4.13
C LYS C 256 -31.03 8.04 -2.64
N THR C 257 -30.24 6.98 -2.36
CA THR C 257 -29.78 6.67 -1.01
C THR C 257 -28.25 6.80 -0.97
N ILE C 258 -27.63 6.86 0.24
CA ILE C 258 -26.16 6.88 0.32
C ILE C 258 -25.58 5.58 -0.27
N GLU C 259 -26.27 4.44 -0.04
CA GLU C 259 -25.92 3.11 -0.54
C GLU C 259 -25.77 3.11 -2.07
N ASP C 260 -26.61 3.86 -2.79
CA ASP C 260 -26.49 3.98 -4.25
C ASP C 260 -25.16 4.60 -4.68
N TYR C 261 -24.60 5.49 -3.86
CA TYR C 261 -23.39 6.24 -4.17
C TYR C 261 -22.08 5.67 -3.59
N ILE C 262 -22.14 4.70 -2.66
CA ILE C 262 -20.93 4.12 -2.06
C ILE C 262 -19.99 3.56 -3.11
N ASP C 263 -18.70 3.92 -3.04
CA ASP C 263 -17.68 3.44 -3.99
C ASP C 263 -17.68 1.91 -4.04
N LYS C 264 -17.96 1.35 -5.23
CA LYS C 264 -17.98 -0.11 -5.38
C LYS C 264 -16.57 -0.71 -5.39
N LYS C 265 -15.51 0.13 -5.45
CA LYS C 265 -14.13 -0.34 -5.42
C LYS C 265 -13.61 -0.57 -3.99
N MET C 266 -14.46 -1.03 -3.08
CA MET C 266 -14.10 -1.38 -1.71
C MET C 266 -14.81 -2.68 -1.36
N ASN C 267 -14.19 -3.53 -0.54
CA ASN C 267 -14.88 -4.75 -0.06
C ASN C 267 -15.16 -4.72 1.46
N ASP C 268 -14.67 -3.69 2.18
CA ASP C 268 -14.74 -3.59 3.63
C ASP C 268 -15.54 -2.42 4.15
N ALA C 269 -16.39 -1.80 3.33
CA ALA C 269 -17.23 -0.71 3.81
C ALA C 269 -18.44 -1.34 4.48
N ASP C 270 -18.77 -0.90 5.69
CA ASP C 270 -19.95 -1.40 6.38
C ASP C 270 -20.93 -0.26 6.44
N SER C 271 -22.23 -0.56 6.32
CA SER C 271 -23.26 0.47 6.29
C SER C 271 -23.21 1.44 7.45
N THR C 272 -22.97 0.95 8.67
CA THR C 272 -22.96 1.81 9.85
C THR C 272 -21.90 2.91 9.78
N SER C 273 -20.63 2.55 9.53
CA SER C 273 -19.57 3.56 9.47
C SER C 273 -19.66 4.45 8.22
N VAL C 274 -20.16 3.93 7.09
CA VAL C 274 -20.35 4.75 5.89
C VAL C 274 -21.44 5.80 6.15
N GLU C 275 -22.54 5.38 6.78
CA GLU C 275 -23.62 6.32 7.09
C GLU C 275 -23.18 7.34 8.14
N ALA C 276 -22.33 6.94 9.09
CA ALA C 276 -21.79 7.86 10.09
C ALA C 276 -20.89 8.92 9.41
N MET C 277 -20.04 8.52 8.41
CA MET C 277 -19.23 9.51 7.68
C MET C 277 -20.14 10.42 6.84
N TYR C 278 -21.19 9.85 6.22
CA TYR C 278 -22.12 10.66 5.43
C TYR C 278 -22.81 11.69 6.32
N SER C 279 -23.16 11.31 7.54
CA SER C 279 -23.82 12.23 8.48
C SER C 279 -22.90 13.42 8.80
N VAL C 280 -21.59 13.18 8.98
CA VAL C 280 -20.59 14.25 9.20
C VAL C 280 -20.52 15.14 7.97
N ALA C 281 -20.38 14.54 6.77
CA ALA C 281 -20.32 15.27 5.50
C ALA C 281 -21.58 16.15 5.30
N SER C 282 -22.76 15.61 5.61
CA SER C 282 -24.03 16.33 5.50
C SER C 282 -24.05 17.55 6.42
N GLN C 283 -23.56 17.41 7.66
CA GLN C 283 -23.49 18.50 8.63
C GLN C 283 -22.52 19.60 8.14
N CYS C 284 -21.36 19.19 7.58
CA CYS C 284 -20.38 20.12 7.03
C CYS C 284 -20.95 20.92 5.86
N LEU C 285 -21.83 20.30 5.08
CA LEU C 285 -22.41 20.92 3.89
C LEU C 285 -23.68 21.72 4.15
N HIS C 286 -23.94 22.08 5.42
CA HIS C 286 -25.09 22.91 5.76
C HIS C 286 -24.93 24.28 5.08
N GLU C 287 -25.97 24.73 4.41
CA GLU C 287 -25.99 25.99 3.67
C GLU C 287 -25.70 27.19 4.54
N LYS C 288 -26.19 27.18 5.79
CA LYS C 288 -25.96 28.26 6.75
C LYS C 288 -24.65 27.98 7.49
N LYS C 289 -23.65 28.86 7.35
CA LYS C 289 -22.32 28.68 7.95
C LYS C 289 -22.32 28.46 9.46
N ASN C 290 -23.23 29.11 10.19
CA ASN C 290 -23.31 28.96 11.65
C ASN C 290 -23.92 27.64 12.11
N LYS C 291 -24.60 26.91 11.20
CA LYS C 291 -25.19 25.63 11.53
C LYS C 291 -24.20 24.46 11.33
N ARG C 292 -23.04 24.72 10.69
CA ARG C 292 -22.03 23.70 10.46
C ARG C 292 -21.30 23.42 11.75
N PRO C 293 -20.86 22.18 11.97
CA PRO C 293 -20.02 21.92 13.14
C PRO C 293 -18.66 22.56 12.97
N ASP C 294 -17.96 22.86 14.07
CA ASP C 294 -16.59 23.38 13.96
C ASP C 294 -15.64 22.17 13.75
N ILE C 295 -14.35 22.40 13.46
CA ILE C 295 -13.41 21.28 13.18
C ILE C 295 -13.24 20.32 14.39
N LYS C 296 -13.30 20.86 15.64
CA LYS C 296 -13.18 20.02 16.84
C LYS C 296 -14.34 19.00 16.90
N LYS C 297 -15.56 19.43 16.52
CA LYS C 297 -16.73 18.56 16.51
C LYS C 297 -16.59 17.53 15.37
N VAL C 298 -16.09 17.96 14.21
CA VAL C 298 -15.84 17.06 13.07
C VAL C 298 -14.85 15.95 13.49
N GLN C 299 -13.78 16.32 14.21
CA GLN C 299 -12.77 15.36 14.72
C GLN C 299 -13.44 14.36 15.65
N GLN C 300 -14.29 14.85 16.59
CA GLN C 300 -14.98 14.03 17.56
C GLN C 300 -15.89 13.02 16.85
N LEU C 301 -16.66 13.49 15.86
CA LEU C 301 -17.56 12.62 15.12
C LEU C 301 -16.80 11.58 14.28
N LEU C 302 -15.66 11.95 13.69
CA LEU C 302 -14.89 10.99 12.90
C LEU C 302 -14.25 9.93 13.83
N GLN C 303 -13.92 10.30 15.08
CA GLN C 303 -13.36 9.36 16.04
C GLN C 303 -14.44 8.37 16.50
N GLU C 304 -15.65 8.87 16.75
CA GLU C 304 -16.79 8.02 17.14
C GLU C 304 -17.20 7.04 16.03
N MET C 305 -16.94 7.41 14.76
CA MET C 305 -17.22 6.57 13.59
C MET C 305 -16.43 5.25 13.66
N THR C 306 -15.17 5.31 14.08
CA THR C 306 -14.35 4.11 14.19
C THR C 306 -14.22 3.58 15.63
N ALA C 307 -14.78 4.29 16.64
CA ALA C 307 -14.73 3.90 18.05
C ALA C 307 -15.26 2.48 18.26
N SER C 308 -14.39 1.60 18.72
CA SER C 308 -14.73 0.19 18.92
C SER C 308 -14.74 -0.17 20.41
N ARG D 12 5.08 -15.87 -29.02
CA ARG D 12 4.56 -15.75 -27.66
C ARG D 12 5.32 -14.60 -26.94
N PHE D 13 6.65 -14.71 -26.94
CA PHE D 13 7.56 -13.75 -26.35
C PHE D 13 8.21 -12.91 -27.45
N HIS D 14 8.61 -11.68 -27.11
CA HIS D 14 9.23 -10.77 -28.06
C HIS D 14 10.74 -11.00 -28.13
N SER D 15 11.30 -11.01 -29.36
CA SER D 15 12.74 -11.18 -29.50
C SER D 15 13.39 -9.81 -29.59
N PHE D 16 14.31 -9.51 -28.69
CA PHE D 16 15.00 -8.23 -28.71
C PHE D 16 16.45 -8.46 -29.12
N SER D 17 17.08 -7.46 -29.73
CA SER D 17 18.52 -7.51 -29.96
C SER D 17 19.18 -7.02 -28.65
N PHE D 18 20.45 -7.34 -28.48
CA PHE D 18 21.20 -6.89 -27.31
C PHE D 18 21.34 -5.35 -27.35
N TYR D 19 21.51 -4.78 -28.56
CA TYR D 19 21.60 -3.33 -28.71
C TYR D 19 20.29 -2.63 -28.28
N GLU D 20 19.11 -3.25 -28.53
CA GLU D 20 17.82 -2.71 -28.08
C GLU D 20 17.76 -2.71 -26.56
N LEU D 21 18.17 -3.82 -25.90
CA LEU D 21 18.15 -3.87 -24.43
C LEU D 21 19.20 -2.94 -23.78
N LYS D 22 20.29 -2.61 -24.50
CA LYS D 22 21.22 -1.59 -24.03
C LYS D 22 20.46 -0.23 -24.02
N ASN D 23 19.61 0.03 -25.04
CA ASN D 23 18.83 1.27 -25.09
C ASN D 23 17.63 1.29 -24.10
N VAL D 24 17.23 0.13 -23.57
CA VAL D 24 16.12 -0.02 -22.63
C VAL D 24 16.60 0.18 -21.17
N THR D 25 17.89 -0.12 -20.88
CA THR D 25 18.46 -0.09 -19.56
C THR D 25 19.61 0.94 -19.36
N ASN D 26 19.70 2.01 -20.18
CA ASN D 26 20.79 3.00 -20.06
C ASN D 26 22.17 2.29 -20.11
N ASN D 27 22.29 1.33 -21.01
CA ASN D 27 23.49 0.52 -21.21
C ASN D 27 23.81 -0.33 -19.98
N PHE D 28 22.78 -1.00 -19.42
CA PHE D 28 22.86 -1.83 -18.23
C PHE D 28 23.55 -1.08 -17.07
N ASP D 29 23.06 0.14 -16.78
CA ASP D 29 23.59 1.05 -15.76
C ASP D 29 23.63 0.34 -14.37
N GLU D 30 24.84 -0.04 -13.96
CA GLU D 30 25.04 -0.81 -12.72
C GLU D 30 24.87 -0.02 -11.42
N ARG D 31 24.64 1.27 -11.47
CA ARG D 31 24.39 2.05 -10.24
C ARG D 31 22.99 1.67 -9.72
N PRO D 32 22.76 1.75 -8.41
CA PRO D 32 21.40 1.50 -7.90
C PRO D 32 20.40 2.54 -8.45
N ILE D 33 19.13 2.17 -8.52
CA ILE D 33 18.06 3.03 -9.01
C ILE D 33 17.99 4.35 -8.25
N SER D 34 18.20 4.31 -6.92
CA SER D 34 18.11 5.50 -6.08
C SER D 34 19.00 6.62 -6.53
N VAL D 35 20.23 6.31 -6.96
CA VAL D 35 21.16 7.36 -7.43
C VAL D 35 21.02 7.70 -8.92
N GLY D 36 20.08 7.05 -9.63
CA GLY D 36 19.85 7.29 -11.06
C GLY D 36 20.23 6.16 -12.00
N GLY D 37 20.68 5.04 -11.45
CA GLY D 37 21.07 3.87 -12.25
C GLY D 37 19.94 2.94 -12.58
N ASN D 38 20.28 1.68 -12.91
CA ASN D 38 19.27 0.71 -13.32
C ASN D 38 19.33 -0.63 -12.57
N LYS D 39 20.38 -0.87 -11.79
CA LYS D 39 20.51 -2.15 -11.06
C LYS D 39 19.45 -2.33 -9.92
N MET D 40 18.74 -3.46 -9.90
CA MET D 40 17.69 -3.77 -8.88
C MET D 40 17.96 -5.05 -8.05
N GLY D 41 18.52 -6.05 -8.69
CA GLY D 41 18.81 -7.33 -8.04
C GLY D 41 20.09 -7.95 -8.61
N GLU D 42 20.72 -8.80 -7.80
CA GLU D 42 21.95 -9.49 -8.19
C GLU D 42 21.97 -10.87 -7.54
N GLY D 43 22.63 -11.82 -8.17
CA GLY D 43 22.76 -13.17 -7.63
C GLY D 43 23.57 -14.07 -8.54
N GLY D 44 23.51 -15.37 -8.29
CA GLY D 44 24.21 -16.35 -9.11
C GLY D 44 23.65 -16.42 -10.52
N PHE D 45 22.33 -16.10 -10.66
CA PHE D 45 21.60 -16.07 -11.92
C PHE D 45 22.25 -15.07 -12.92
N GLY D 46 22.60 -13.90 -12.43
CA GLY D 46 23.14 -12.78 -13.19
C GLY D 46 22.75 -11.49 -12.49
N VAL D 47 22.34 -10.46 -13.25
CA VAL D 47 21.97 -9.17 -12.68
C VAL D 47 20.60 -8.72 -13.27
N VAL D 48 19.70 -8.15 -12.45
CA VAL D 48 18.38 -7.67 -12.89
C VAL D 48 18.40 -6.13 -12.97
N TYR D 49 18.02 -5.59 -14.12
CA TYR D 49 18.00 -4.16 -14.34
C TYR D 49 16.63 -3.65 -14.66
N LYS D 50 16.36 -2.41 -14.29
CA LYS D 50 15.14 -1.73 -14.64
C LYS D 50 15.29 -1.22 -16.07
N GLY D 51 14.22 -1.26 -16.83
CA GLY D 51 14.23 -0.72 -18.19
C GLY D 51 12.92 -0.12 -18.60
N TYR D 52 12.92 0.64 -19.69
CA TYR D 52 11.69 1.22 -20.22
C TYR D 52 11.55 0.90 -21.70
N VAL D 53 10.37 0.37 -22.09
CA VAL D 53 9.99 0.09 -23.47
C VAL D 53 8.71 0.92 -23.70
N ASN D 54 8.84 2.07 -24.33
CA ASN D 54 7.72 2.97 -24.60
C ASN D 54 7.19 3.49 -23.25
N ASN D 55 5.95 3.13 -22.86
CA ASN D 55 5.35 3.50 -21.59
C ASN D 55 5.27 2.33 -20.61
N THR D 56 5.96 1.23 -20.90
CA THR D 56 6.02 0.05 -20.08
C THR D 56 7.37 -0.07 -19.37
N THR D 57 7.32 -0.21 -18.05
CA THR D 57 8.55 -0.43 -17.27
C THR D 57 8.74 -1.94 -17.25
N VAL D 58 10.00 -2.41 -17.40
CA VAL D 58 10.29 -3.83 -17.40
C VAL D 58 11.52 -4.16 -16.52
N ALA D 59 11.74 -5.45 -16.23
CA ALA D 59 12.91 -5.94 -15.53
C ALA D 59 13.70 -6.77 -16.57
N VAL D 60 15.01 -6.51 -16.73
CA VAL D 60 15.85 -7.21 -17.68
C VAL D 60 16.91 -8.00 -16.91
N LYS D 61 16.91 -9.32 -17.03
CA LYS D 61 17.90 -10.15 -16.39
C LYS D 61 18.99 -10.47 -17.40
N LYS D 62 20.21 -9.95 -17.17
CA LYS D 62 21.32 -10.26 -18.04
C LYS D 62 22.02 -11.49 -17.42
N LEU D 63 21.99 -12.63 -18.13
CA LEU D 63 22.54 -13.90 -17.63
C LEU D 63 24.06 -13.87 -17.55
N ALA D 64 24.59 -14.40 -16.43
CA ALA D 64 26.03 -14.46 -16.15
C ALA D 64 26.67 -15.65 -16.88
N ILE D 69 29.33 -23.52 -16.05
CA ILE D 69 30.07 -22.34 -16.53
C ILE D 69 30.28 -22.38 -18.07
N THR D 70 29.91 -23.46 -18.76
CA THR D 70 30.06 -23.54 -20.21
C THR D 70 29.12 -22.54 -20.88
N THR D 71 29.54 -21.94 -22.01
CA THR D 71 28.69 -21.02 -22.75
C THR D 71 27.52 -21.78 -23.36
N GLU D 72 27.79 -22.99 -23.92
CA GLU D 72 26.76 -23.85 -24.51
C GLU D 72 25.78 -24.36 -23.43
N GLU D 73 26.30 -24.60 -22.22
CA GLU D 73 25.48 -25.03 -21.09
C GLU D 73 24.63 -23.90 -20.56
N LEU D 74 25.14 -22.64 -20.57
CA LEU D 74 24.35 -21.48 -20.17
C LEU D 74 23.20 -21.26 -21.17
N LYS D 75 23.48 -21.49 -22.47
CA LYS D 75 22.48 -21.39 -23.53
C LYS D 75 21.37 -22.42 -23.32
N GLN D 76 21.74 -23.65 -22.87
CA GLN D 76 20.77 -24.72 -22.58
C GLN D 76 19.84 -24.26 -21.43
N GLN D 77 20.42 -23.66 -20.37
CA GLN D 77 19.62 -23.15 -19.25
C GLN D 77 18.64 -22.06 -19.71
N PHE D 78 19.08 -21.18 -20.63
CA PHE D 78 18.31 -20.08 -21.19
C PHE D 78 17.14 -20.62 -22.02
N ASP D 79 17.38 -21.68 -22.80
CA ASP D 79 16.35 -22.34 -23.58
C ASP D 79 15.32 -23.01 -22.66
N GLN D 80 15.81 -23.65 -21.59
CA GLN D 80 14.98 -24.34 -20.60
C GLN D 80 14.14 -23.37 -19.78
N GLU D 81 14.66 -22.15 -19.44
CA GLU D 81 13.90 -21.14 -18.68
C GLU D 81 12.78 -20.55 -19.53
N ILE D 82 13.00 -20.40 -20.83
CA ILE D 82 11.96 -19.91 -21.74
C ILE D 82 10.86 -20.98 -21.90
N LYS D 83 11.25 -22.26 -21.89
CA LYS D 83 10.34 -23.40 -21.96
C LYS D 83 9.43 -23.41 -20.71
N VAL D 84 10.00 -23.29 -19.49
CA VAL D 84 9.23 -23.22 -18.25
C VAL D 84 8.26 -22.04 -18.28
N MET D 85 8.73 -20.85 -18.71
CA MET D 85 7.88 -19.66 -18.75
C MET D 85 6.75 -19.78 -19.73
N ALA D 86 7.00 -20.41 -20.88
CA ALA D 86 5.97 -20.56 -21.90
C ALA D 86 4.83 -21.44 -21.41
N LYS D 87 5.12 -22.44 -20.57
CA LYS D 87 4.12 -23.35 -20.02
C LYS D 87 3.51 -22.84 -18.71
N CYS D 88 4.22 -22.02 -17.97
CA CYS D 88 3.80 -21.56 -16.65
C CYS D 88 3.37 -20.12 -16.60
N GLN D 89 2.09 -19.89 -16.92
CA GLN D 89 1.45 -18.58 -16.92
C GLN D 89 0.36 -18.59 -15.86
N HIS D 90 0.46 -17.72 -14.88
CA HIS D 90 -0.45 -17.69 -13.73
C HIS D 90 -0.26 -16.36 -13.01
N GLU D 91 -1.33 -15.79 -12.45
CA GLU D 91 -1.27 -14.52 -11.73
C GLU D 91 -0.26 -14.46 -10.57
N ASN D 92 0.11 -15.61 -9.98
CA ASN D 92 1.09 -15.60 -8.90
C ASN D 92 2.47 -16.08 -9.30
N LEU D 93 2.79 -15.96 -10.60
CA LEU D 93 4.08 -16.25 -11.18
C LEU D 93 4.53 -15.01 -11.97
N VAL D 94 5.81 -14.62 -11.89
CA VAL D 94 6.31 -13.49 -12.69
C VAL D 94 6.14 -13.85 -14.20
N GLU D 95 5.66 -12.92 -14.99
CA GLU D 95 5.43 -13.14 -16.39
C GLU D 95 6.64 -12.74 -17.26
N LEU D 96 7.06 -13.64 -18.17
CA LEU D 96 8.14 -13.34 -19.11
C LEU D 96 7.53 -12.59 -20.30
N LEU D 97 8.15 -11.48 -20.70
CA LEU D 97 7.70 -10.68 -21.83
C LEU D 97 8.50 -10.96 -23.11
N GLY D 98 9.77 -11.26 -22.95
CA GLY D 98 10.64 -11.46 -24.09
C GLY D 98 12.04 -11.92 -23.71
N PHE D 99 12.91 -12.02 -24.72
CA PHE D 99 14.26 -12.53 -24.53
C PHE D 99 15.20 -11.93 -25.58
N SER D 100 16.51 -12.13 -25.38
CA SER D 100 17.52 -11.67 -26.32
C SER D 100 18.63 -12.72 -26.32
N SER D 101 19.02 -13.21 -27.52
CA SER D 101 20.06 -14.24 -27.57
C SER D 101 21.09 -14.08 -28.67
N ASP D 102 21.28 -12.87 -29.17
CA ASP D 102 22.28 -12.64 -30.20
C ASP D 102 23.70 -12.73 -29.58
N GLY D 103 24.37 -13.84 -29.91
CA GLY D 103 25.71 -14.16 -29.43
C GLY D 103 25.74 -14.72 -28.01
N ASP D 104 26.86 -14.51 -27.31
CA ASP D 104 27.05 -14.94 -25.93
C ASP D 104 26.25 -14.07 -24.90
N ASP D 105 25.64 -12.95 -25.35
CA ASP D 105 24.84 -12.12 -24.45
C ASP D 105 23.41 -12.69 -24.37
N LEU D 106 23.02 -13.19 -23.19
CA LEU D 106 21.68 -13.74 -23.04
C LEU D 106 20.91 -12.90 -22.05
N CYS D 107 19.73 -12.43 -22.46
CA CYS D 107 18.87 -11.63 -21.59
C CYS D 107 17.44 -12.16 -21.57
N LEU D 108 16.76 -11.96 -20.44
CA LEU D 108 15.35 -12.32 -20.27
C LEU D 108 14.61 -11.08 -19.76
N VAL D 109 13.48 -10.75 -20.36
CA VAL D 109 12.72 -9.54 -20.02
C VAL D 109 11.40 -9.91 -19.34
N TYR D 110 11.13 -9.35 -18.16
CA TYR D 110 9.95 -9.70 -17.37
C TYR D 110 9.09 -8.49 -17.05
N VAL D 111 7.84 -8.75 -16.60
CA VAL D 111 6.94 -7.72 -16.11
C VAL D 111 7.56 -7.14 -14.82
N TYR D 112 7.60 -5.83 -14.74
CA TYR D 112 8.18 -5.12 -13.61
C TYR D 112 7.31 -5.23 -12.34
N MET D 113 7.95 -5.36 -11.18
CA MET D 113 7.26 -5.49 -9.88
C MET D 113 7.60 -4.25 -9.02
N PRO D 114 6.71 -3.26 -8.96
CA PRO D 114 7.04 -2.02 -8.22
C PRO D 114 7.32 -2.14 -6.71
N ASN D 115 6.79 -3.15 -6.01
CA ASN D 115 7.05 -3.25 -4.57
C ASN D 115 8.17 -4.25 -4.20
N GLY D 116 9.00 -4.63 -5.19
CA GLY D 116 10.17 -5.48 -5.01
C GLY D 116 9.91 -6.82 -4.35
N SER D 117 10.87 -7.31 -3.58
CA SER D 117 10.75 -8.62 -2.95
C SER D 117 10.09 -8.58 -1.58
N LEU D 118 9.50 -9.69 -1.18
CA LEU D 118 8.93 -9.89 0.15
C LEU D 118 10.05 -9.76 1.21
N LEU D 119 11.30 -10.16 0.87
CA LEU D 119 12.42 -10.06 1.81
C LEU D 119 12.65 -8.60 2.20
N ASP D 120 12.70 -7.72 1.20
CA ASP D 120 12.96 -6.33 1.44
C ASP D 120 11.76 -5.61 2.08
N ARG D 121 10.54 -6.06 1.78
CA ARG D 121 9.35 -5.46 2.42
C ARG D 121 9.22 -5.91 3.86
N LEU D 122 9.67 -7.13 4.19
CA LEU D 122 9.65 -7.58 5.59
C LEU D 122 10.71 -6.83 6.41
N SER D 123 11.83 -6.46 5.80
CA SER D 123 12.88 -5.70 6.52
C SER D 123 12.64 -4.20 6.46
N CYS D 124 11.66 -3.72 5.66
CA CYS D 124 11.33 -2.31 5.48
C CYS D 124 12.48 -1.56 4.83
N LEU D 125 13.21 -2.23 3.92
CA LEU D 125 14.35 -1.67 3.21
C LEU D 125 13.96 -0.36 2.51
N ASP D 126 14.79 0.68 2.70
CA ASP D 126 14.61 2.00 2.10
C ASP D 126 13.42 2.79 2.62
N GLY D 127 12.94 2.45 3.80
CA GLY D 127 11.94 3.24 4.47
C GLY D 127 10.50 2.91 4.18
N THR D 128 10.24 1.75 3.59
CA THR D 128 8.87 1.36 3.27
C THR D 128 8.13 0.95 4.56
N PRO D 129 6.82 1.23 4.63
CA PRO D 129 6.06 0.86 5.84
C PRO D 129 5.96 -0.64 6.03
N PRO D 130 5.92 -1.11 7.31
CA PRO D 130 5.76 -2.54 7.56
C PRO D 130 4.46 -3.10 6.96
N LEU D 131 4.49 -4.35 6.51
CA LEU D 131 3.30 -4.99 5.97
C LEU D 131 2.35 -5.33 7.10
N SER D 132 1.07 -5.03 6.95
CA SER D 132 0.08 -5.38 7.98
C SER D 132 -0.10 -6.91 7.97
N TRP D 133 -0.67 -7.48 9.02
CA TRP D 133 -0.97 -8.89 9.10
C TRP D 133 -1.94 -9.30 7.99
N HIS D 134 -2.92 -8.44 7.69
CA HIS D 134 -3.90 -8.72 6.65
C HIS D 134 -3.21 -8.90 5.28
N MET D 135 -2.30 -7.98 4.94
CA MET D 135 -1.56 -8.09 3.69
C MET D 135 -0.64 -9.32 3.67
N ARG D 136 -0.02 -9.66 4.82
CA ARG D 136 0.84 -10.85 4.90
C ARG D 136 0.05 -12.14 4.63
N CYS D 137 -1.21 -12.21 5.11
CA CYS D 137 -2.05 -13.40 4.87
C CYS D 137 -2.35 -13.51 3.39
N LYS D 138 -2.65 -12.36 2.72
CA LYS D 138 -2.92 -12.36 1.28
C LYS D 138 -1.68 -12.77 0.49
N ILE D 139 -0.51 -12.30 0.92
CA ILE D 139 0.74 -12.64 0.24
C ILE D 139 1.05 -14.13 0.42
N ALA D 140 0.84 -14.69 1.61
CA ALA D 140 1.10 -16.12 1.84
C ALA D 140 0.20 -16.97 0.97
N GLN D 141 -1.10 -16.60 0.86
CA GLN D 141 -2.07 -17.32 0.04
C GLN D 141 -1.68 -17.22 -1.45
N GLY D 142 -1.29 -16.03 -1.88
CA GLY D 142 -0.84 -15.80 -3.25
C GLY D 142 0.39 -16.61 -3.60
N ALA D 143 1.42 -16.59 -2.75
CA ALA D 143 2.62 -17.38 -2.97
C ALA D 143 2.28 -18.88 -3.04
N ALA D 144 1.41 -19.39 -2.13
CA ALA D 144 0.99 -20.81 -2.15
C ALA D 144 0.25 -21.14 -3.43
N ASN D 145 -0.56 -20.20 -3.97
CA ASN D 145 -1.28 -20.42 -5.23
C ASN D 145 -0.31 -20.54 -6.39
N GLY D 146 0.77 -19.76 -6.36
CA GLY D 146 1.82 -19.80 -7.36
C GLY D 146 2.52 -21.16 -7.37
N ILE D 147 2.96 -21.64 -6.17
CA ILE D 147 3.63 -22.96 -6.01
C ILE D 147 2.69 -24.12 -6.41
N ASN D 148 1.37 -23.98 -6.11
CA ASN D 148 0.38 -24.98 -6.47
C ASN D 148 0.33 -25.18 -7.96
N PHE D 149 0.36 -24.07 -8.72
CA PHE D 149 0.36 -24.11 -10.17
C PHE D 149 1.60 -24.85 -10.68
N LEU D 150 2.79 -24.55 -10.12
CA LEU D 150 4.03 -25.22 -10.52
C LEU D 150 3.96 -26.72 -10.26
N HIS D 151 3.52 -27.14 -9.07
CA HIS D 151 3.43 -28.56 -8.71
C HIS D 151 2.35 -29.31 -9.51
N GLU D 152 1.23 -28.64 -9.85
CA GLU D 152 0.20 -29.25 -10.70
C GLU D 152 0.75 -29.47 -12.13
N ASN D 153 1.68 -28.62 -12.57
CA ASN D 153 2.31 -28.73 -13.86
C ASN D 153 3.69 -29.43 -13.79
N HIS D 154 3.91 -30.25 -12.74
CA HIS D 154 5.08 -31.08 -12.50
C HIS D 154 6.41 -30.35 -12.57
N HIS D 155 6.50 -29.22 -11.87
CA HIS D 155 7.73 -28.45 -11.78
C HIS D 155 8.14 -28.31 -10.31
N ILE D 156 9.42 -28.45 -10.06
CA ILE D 156 9.99 -28.28 -8.72
C ILE D 156 10.81 -26.99 -8.82
N HIS D 157 10.48 -25.98 -8.01
CA HIS D 157 11.14 -24.68 -8.08
C HIS D 157 12.63 -24.77 -7.67
N ARG D 158 12.89 -25.40 -6.50
CA ARG D 158 14.22 -25.64 -5.91
C ARG D 158 14.83 -24.43 -5.18
N ASP D 159 14.24 -23.24 -5.31
CA ASP D 159 14.79 -22.07 -4.60
C ASP D 159 13.71 -21.11 -4.06
N ILE D 160 12.70 -21.68 -3.36
CA ILE D 160 11.65 -20.89 -2.77
C ILE D 160 12.27 -20.16 -1.57
N LYS D 161 12.13 -18.84 -1.54
CA LYS D 161 12.63 -17.98 -0.48
C LYS D 161 11.99 -16.61 -0.63
N SER D 162 11.99 -15.78 0.44
CA SER D 162 11.36 -14.49 0.38
C SER D 162 11.97 -13.52 -0.65
N ALA D 163 13.26 -13.67 -1.00
CA ALA D 163 13.89 -12.86 -2.06
C ALA D 163 13.30 -13.21 -3.45
N ASN D 164 12.76 -14.44 -3.61
CA ASN D 164 12.14 -14.90 -4.85
C ASN D 164 10.60 -14.79 -4.85
N ILE D 165 10.03 -14.00 -3.94
CA ILE D 165 8.59 -13.72 -3.94
C ILE D 165 8.50 -12.21 -4.18
N LEU D 166 8.12 -11.82 -5.39
CA LEU D 166 8.05 -10.40 -5.75
C LEU D 166 6.64 -9.85 -5.58
N LEU D 167 6.50 -8.53 -5.51
CA LEU D 167 5.25 -7.87 -5.22
C LEU D 167 4.94 -6.77 -6.23
N ASP D 168 3.80 -6.87 -6.87
CA ASP D 168 3.42 -5.86 -7.87
C ASP D 168 2.80 -4.60 -7.17
N GLU D 169 2.21 -3.67 -7.95
CA GLU D 169 1.66 -2.43 -7.38
C GLU D 169 0.57 -2.66 -6.31
N ALA D 170 -0.18 -3.77 -6.45
CA ALA D 170 -1.22 -4.08 -5.47
C ALA D 170 -0.75 -5.08 -4.37
N PHE D 171 0.57 -5.40 -4.32
CA PHE D 171 1.17 -6.37 -3.37
C PHE D 171 0.70 -7.80 -3.63
N THR D 172 0.39 -8.11 -4.91
CA THR D 172 0.08 -9.47 -5.31
C THR D 172 1.42 -10.19 -5.35
N ALA D 173 1.53 -11.36 -4.70
CA ALA D 173 2.73 -12.19 -4.64
C ALA D 173 3.00 -12.85 -5.99
N LYS D 174 4.25 -12.78 -6.47
CA LYS D 174 4.67 -13.40 -7.73
C LYS D 174 5.94 -14.23 -7.46
N ILE D 175 5.87 -15.57 -7.61
CA ILE D 175 7.06 -16.41 -7.48
C ILE D 175 7.99 -16.10 -8.66
N SER D 176 9.28 -15.91 -8.42
CA SER D 176 10.22 -15.63 -9.51
C SER D 176 11.42 -16.57 -9.45
N ASP D 177 12.40 -16.31 -10.35
CA ASP D 177 13.63 -17.05 -10.53
C ASP D 177 13.42 -18.54 -10.72
N PHE D 178 13.03 -18.92 -11.92
CA PHE D 178 12.86 -20.31 -12.32
C PHE D 178 14.12 -20.91 -13.00
N GLY D 179 15.29 -20.34 -12.68
CA GLY D 179 16.56 -20.79 -13.26
C GLY D 179 16.96 -22.18 -12.82
N LEU D 180 16.62 -22.54 -11.58
CA LEU D 180 16.95 -23.86 -11.04
C LEU D 180 15.78 -24.88 -11.19
N ALA D 181 14.62 -24.46 -11.74
CA ALA D 181 13.44 -25.31 -11.86
C ALA D 181 13.68 -26.60 -12.65
N ARG D 182 13.04 -27.70 -12.22
CA ARG D 182 13.15 -29.05 -12.84
C ARG D 182 11.77 -29.67 -13.10
N ALA D 183 11.68 -30.56 -14.09
CA ALA D 183 10.42 -31.26 -14.38
C ALA D 183 10.44 -32.67 -13.80
N GLN D 189 9.85 -37.29 -5.03
CA GLN D 189 10.37 -38.04 -3.89
C GLN D 189 11.29 -39.20 -4.27
N THR D 190 11.64 -39.36 -5.57
CA THR D 190 12.52 -40.44 -6.05
C THR D 190 13.30 -40.02 -7.31
N VAL D 191 14.36 -39.18 -7.12
CA VAL D 191 15.31 -38.58 -8.09
C VAL D 191 16.49 -37.99 -7.28
N MET D 192 17.74 -38.30 -7.66
CA MET D 192 18.92 -37.75 -6.99
C MET D 192 19.75 -36.89 -7.94
N ARG D 195 24.68 -32.25 -8.31
CA ARG D 195 24.89 -30.81 -8.27
C ARG D 195 23.78 -30.21 -7.40
N ILE D 196 24.04 -30.12 -6.08
CA ILE D 196 23.08 -29.63 -5.11
C ILE D 196 22.96 -28.13 -5.13
N VAL D 197 21.78 -27.63 -5.50
CA VAL D 197 21.54 -26.19 -5.58
C VAL D 197 20.37 -25.77 -4.68
N GLY D 198 20.31 -24.48 -4.38
CA GLY D 198 19.32 -23.88 -3.49
C GLY D 198 19.96 -22.96 -2.47
N THR D 199 19.17 -22.49 -1.50
CA THR D 199 19.68 -21.60 -0.45
C THR D 199 19.60 -22.36 0.89
N THR D 200 20.76 -22.63 1.50
CA THR D 200 20.93 -23.42 2.73
C THR D 200 19.91 -23.16 3.85
N ALA D 201 19.70 -21.87 4.23
CA ALA D 201 18.78 -21.53 5.31
C ALA D 201 17.30 -21.89 5.04
N TYR D 202 16.95 -22.24 3.78
CA TYR D 202 15.59 -22.62 3.42
C TYR D 202 15.47 -24.11 3.03
N MET D 203 16.61 -24.84 2.99
CA MET D 203 16.64 -26.19 2.45
C MET D 203 16.26 -27.26 3.40
N ALA D 204 15.47 -28.22 2.90
CA ALA D 204 15.04 -29.41 3.63
C ALA D 204 16.25 -30.34 3.81
N PRO D 205 16.25 -31.23 4.82
CA PRO D 205 17.37 -32.15 5.00
C PRO D 205 17.64 -33.03 3.76
N GLU D 206 16.58 -33.54 3.10
CA GLU D 206 16.77 -34.40 1.92
C GLU D 206 17.29 -33.61 0.71
N ALA D 207 16.97 -32.33 0.60
CA ALA D 207 17.48 -31.50 -0.49
C ALA D 207 18.98 -31.25 -0.27
N LEU D 208 19.41 -31.04 0.99
CA LEU D 208 20.83 -30.88 1.33
C LEU D 208 21.63 -32.17 1.04
N ARG D 209 20.95 -33.32 0.93
CA ARG D 209 21.57 -34.61 0.60
C ARG D 209 21.56 -34.95 -0.87
N GLY D 210 20.87 -34.17 -1.70
CA GLY D 210 20.84 -34.41 -3.13
C GLY D 210 19.53 -34.86 -3.70
N GLU D 211 18.48 -35.04 -2.87
CA GLU D 211 17.18 -35.45 -3.40
C GLU D 211 16.49 -34.29 -4.14
N ILE D 212 15.72 -34.61 -5.18
CA ILE D 212 14.95 -33.66 -5.96
C ILE D 212 13.49 -34.04 -5.80
N THR D 213 12.73 -33.27 -5.03
CA THR D 213 11.31 -33.58 -4.79
C THR D 213 10.50 -32.30 -4.52
N PRO D 214 9.22 -32.25 -4.96
CA PRO D 214 8.39 -31.08 -4.63
C PRO D 214 8.16 -30.92 -3.12
N LYS D 215 8.38 -31.99 -2.33
CA LYS D 215 8.27 -31.94 -0.87
C LYS D 215 9.30 -30.98 -0.27
N SER D 216 10.45 -30.80 -0.93
CA SER D 216 11.46 -29.86 -0.46
C SER D 216 10.95 -28.40 -0.64
N ASP D 217 10.17 -28.11 -1.70
CA ASP D 217 9.60 -26.77 -1.91
C ASP D 217 8.66 -26.41 -0.74
N ILE D 218 7.93 -27.41 -0.22
CA ILE D 218 7.00 -27.23 0.90
C ILE D 218 7.76 -26.81 2.15
N TYR D 219 8.90 -27.48 2.42
CA TYR D 219 9.77 -27.15 3.55
C TYR D 219 10.25 -25.69 3.45
N SER D 220 10.75 -25.26 2.28
CA SER D 220 11.23 -23.90 2.05
C SER D 220 10.11 -22.88 2.25
N PHE D 221 8.88 -23.20 1.77
CA PHE D 221 7.74 -22.34 1.97
C PHE D 221 7.42 -22.18 3.48
N GLY D 222 7.63 -23.22 4.29
CA GLY D 222 7.45 -23.13 5.74
C GLY D 222 8.40 -22.14 6.37
N VAL D 223 9.66 -22.03 5.87
CA VAL D 223 10.61 -21.03 6.33
C VAL D 223 10.07 -19.64 5.96
N VAL D 224 9.55 -19.48 4.73
CA VAL D 224 8.95 -18.21 4.29
C VAL D 224 7.79 -17.80 5.23
N LEU D 225 6.94 -18.76 5.62
CA LEU D 225 5.84 -18.47 6.53
C LEU D 225 6.36 -17.98 7.89
N LEU D 226 7.49 -18.51 8.38
CA LEU D 226 8.10 -18.04 9.63
C LEU D 226 8.61 -16.64 9.45
N GLU D 227 9.20 -16.31 8.29
CA GLU D 227 9.65 -14.93 8.00
C GLU D 227 8.46 -13.98 8.01
N ILE D 228 7.32 -14.39 7.49
CA ILE D 228 6.12 -13.56 7.47
C ILE D 228 5.58 -13.33 8.90
N ILE D 229 5.56 -14.36 9.73
CA ILE D 229 5.08 -14.22 11.11
C ILE D 229 6.00 -13.34 11.95
N THR D 230 7.30 -13.59 11.87
CA THR D 230 8.30 -12.96 12.72
C THR D 230 8.92 -11.67 12.20
N GLY D 231 8.96 -11.48 10.89
CA GLY D 231 9.67 -10.37 10.26
C GLY D 231 11.18 -10.55 10.25
N LEU D 232 11.68 -11.71 10.72
CA LEU D 232 13.10 -12.00 10.83
C LEU D 232 13.67 -12.68 9.59
N PRO D 233 14.94 -12.40 9.25
CA PRO D 233 15.57 -13.10 8.12
C PRO D 233 15.80 -14.59 8.45
N ALA D 234 15.80 -15.46 7.42
CA ALA D 234 16.00 -16.91 7.59
C ALA D 234 17.33 -17.26 8.25
N VAL D 235 18.35 -16.42 8.08
CA VAL D 235 19.64 -16.64 8.70
C VAL D 235 20.19 -15.30 9.23
N ASP D 236 20.78 -15.32 10.41
CA ASP D 236 21.40 -14.16 11.02
C ASP D 236 22.58 -14.66 11.84
N GLU D 237 23.80 -14.44 11.32
CA GLU D 237 25.01 -14.88 12.01
C GLU D 237 25.17 -14.24 13.38
N HIS D 238 24.58 -13.05 13.59
CA HIS D 238 24.65 -12.39 14.89
C HIS D 238 23.37 -12.69 15.70
N ARG D 239 22.80 -13.92 15.64
CA ARG D 239 21.57 -14.22 16.39
C ARG D 239 21.52 -15.64 16.97
N GLU D 240 20.75 -15.86 18.05
CA GLU D 240 20.55 -17.17 18.64
C GLU D 240 19.04 -17.47 18.64
N PRO D 241 18.58 -18.45 17.85
CA PRO D 241 19.34 -19.33 16.95
C PRO D 241 19.70 -18.63 15.64
N GLN D 242 20.79 -19.06 15.00
CA GLN D 242 21.23 -18.46 13.74
C GLN D 242 20.21 -18.69 12.62
N LEU D 243 19.66 -19.91 12.55
CA LEU D 243 18.69 -20.27 11.52
C LEU D 243 17.29 -20.15 12.07
N LEU D 244 16.43 -19.42 11.36
CA LEU D 244 15.05 -19.18 11.74
C LEU D 244 14.26 -20.47 11.94
N LEU D 245 14.50 -21.49 11.09
CA LEU D 245 13.77 -22.75 11.21
C LEU D 245 13.91 -23.41 12.59
N ASP D 246 14.98 -23.06 13.33
CA ASP D 246 15.24 -23.62 14.66
C ASP D 246 14.28 -23.11 15.75
N ILE D 247 13.54 -22.01 15.48
CA ILE D 247 12.58 -21.51 16.48
C ILE D 247 11.44 -22.53 16.70
N LYS D 248 11.15 -23.40 15.73
CA LYS D 248 10.12 -24.40 15.86
C LYS D 248 10.47 -25.38 17.03
N GLU D 249 11.76 -25.70 17.23
CA GLU D 249 12.17 -26.54 18.35
C GLU D 249 12.06 -25.83 19.68
N GLU D 250 12.36 -24.52 19.73
CA GLU D 250 12.23 -23.75 20.97
C GLU D 250 10.77 -23.71 21.41
N ILE D 251 9.85 -23.54 20.46
CA ILE D 251 8.43 -23.49 20.77
C ILE D 251 7.91 -24.88 21.16
N GLU D 252 8.41 -25.95 20.51
CA GLU D 252 8.00 -27.30 20.85
C GLU D 252 8.47 -27.68 22.25
N ASP D 253 9.72 -27.32 22.59
CA ASP D 253 10.29 -27.60 23.90
C ASP D 253 9.87 -26.63 25.01
N GLU D 254 9.01 -25.64 24.68
CA GLU D 254 8.43 -24.63 25.55
C GLU D 254 9.45 -23.67 26.16
N GLU D 255 10.58 -23.48 25.48
CA GLU D 255 11.58 -22.48 25.88
C GLU D 255 11.11 -21.06 25.45
N LYS D 256 10.29 -20.98 24.38
CA LYS D 256 9.69 -19.78 23.83
C LYS D 256 8.25 -20.07 23.34
N THR D 257 7.45 -19.03 23.12
CA THR D 257 6.11 -19.18 22.56
C THR D 257 6.08 -18.50 21.18
N ILE D 258 5.03 -18.74 20.36
CA ILE D 258 4.91 -18.05 19.06
C ILE D 258 4.78 -16.53 19.31
N GLU D 259 4.03 -16.16 20.37
CA GLU D 259 3.81 -14.78 20.81
C GLU D 259 5.13 -14.02 21.01
N ASP D 260 6.17 -14.69 21.54
CA ASP D 260 7.49 -14.08 21.73
C ASP D 260 8.13 -13.68 20.38
N TYR D 261 7.84 -14.44 19.31
CA TYR D 261 8.43 -14.23 18.01
C TYR D 261 7.61 -13.42 17.00
N ILE D 262 6.32 -13.16 17.28
CA ILE D 262 5.46 -12.37 16.38
C ILE D 262 6.08 -11.02 16.10
N ASP D 263 6.17 -10.64 14.81
CA ASP D 263 6.72 -9.35 14.41
C ASP D 263 6.03 -8.21 15.17
N LYS D 264 6.81 -7.46 15.94
CA LYS D 264 6.25 -6.34 16.69
C LYS D 264 5.91 -5.13 15.79
N LYS D 265 6.29 -5.18 14.50
CA LYS D 265 5.97 -4.13 13.52
C LYS D 265 4.58 -4.32 12.89
N MET D 266 3.64 -4.87 13.61
CA MET D 266 2.24 -5.01 13.16
C MET D 266 1.34 -4.57 14.30
N ASN D 267 0.17 -3.99 14.00
CA ASN D 267 -0.82 -3.69 15.05
C ASN D 267 -2.12 -4.51 14.89
N ASP D 268 -2.26 -5.26 13.79
CA ASP D 268 -3.49 -5.99 13.45
C ASP D 268 -3.38 -7.50 13.44
N ALA D 269 -2.35 -8.05 14.07
CA ALA D 269 -2.22 -9.49 14.16
C ALA D 269 -3.12 -9.98 15.30
N ASP D 270 -3.90 -11.01 15.05
CA ASP D 270 -4.73 -11.59 16.09
C ASP D 270 -4.18 -12.96 16.39
N SER D 271 -4.20 -13.35 17.66
CA SER D 271 -3.62 -14.62 18.08
C SER D 271 -4.12 -15.83 17.31
N THR D 272 -5.42 -15.90 17.04
CA THR D 272 -6.00 -17.06 16.35
C THR D 272 -5.42 -17.27 14.95
N SER D 273 -5.41 -16.23 14.10
CA SER D 273 -4.87 -16.39 12.74
C SER D 273 -3.35 -16.53 12.72
N VAL D 274 -2.62 -15.88 13.65
CA VAL D 274 -1.16 -16.04 13.72
C VAL D 274 -0.82 -17.48 14.07
N GLU D 275 -1.54 -18.04 15.07
CA GLU D 275 -1.30 -19.42 15.48
C GLU D 275 -1.69 -20.41 14.38
N ALA D 276 -2.72 -20.09 13.59
CA ALA D 276 -3.15 -20.93 12.48
C ALA D 276 -2.05 -20.93 11.38
N MET D 277 -1.43 -19.76 11.09
CA MET D 277 -0.33 -19.73 10.10
C MET D 277 0.90 -20.45 10.66
N TYR D 278 1.18 -20.30 11.97
CA TYR D 278 2.30 -21.00 12.58
C TYR D 278 2.11 -22.52 12.48
N SER D 279 0.88 -22.99 12.66
CA SER D 279 0.59 -24.42 12.58
C SER D 279 0.88 -24.96 11.16
N VAL D 280 0.53 -24.17 10.10
CA VAL D 280 0.84 -24.54 8.72
C VAL D 280 2.37 -24.59 8.52
N ALA D 281 3.08 -23.54 8.96
CA ALA D 281 4.53 -23.44 8.87
C ALA D 281 5.21 -24.64 9.57
N SER D 282 4.73 -25.00 10.77
CA SER D 282 5.25 -26.12 11.55
C SER D 282 5.08 -27.44 10.81
N GLN D 283 3.92 -27.65 10.15
CA GLN D 283 3.65 -28.86 9.37
C GLN D 283 4.59 -28.95 8.16
N CYS D 284 4.81 -27.81 7.48
CA CYS D 284 5.72 -27.71 6.32
C CYS D 284 7.15 -28.04 6.71
N LEU D 285 7.54 -27.68 7.94
CA LEU D 285 8.90 -27.89 8.42
C LEU D 285 9.13 -29.27 9.07
N HIS D 286 8.24 -30.24 8.83
CA HIS D 286 8.42 -31.59 9.35
C HIS D 286 9.69 -32.19 8.74
N GLU D 287 10.55 -32.74 9.59
CA GLU D 287 11.83 -33.33 9.20
C GLU D 287 11.68 -34.47 8.18
N LYS D 288 10.61 -35.26 8.32
CA LYS D 288 10.33 -36.36 7.39
C LYS D 288 9.50 -35.81 6.22
N LYS D 289 10.02 -35.90 4.98
CA LYS D 289 9.35 -35.35 3.79
C LYS D 289 7.93 -35.87 3.55
N ASN D 290 7.68 -37.15 3.87
CA ASN D 290 6.35 -37.73 3.67
C ASN D 290 5.34 -37.31 4.72
N LYS D 291 5.77 -36.73 5.84
CA LYS D 291 4.86 -36.24 6.86
C LYS D 291 4.40 -34.79 6.60
N ARG D 292 5.03 -34.08 5.63
CA ARG D 292 4.65 -32.71 5.28
C ARG D 292 3.38 -32.73 4.48
N PRO D 293 2.53 -31.70 4.63
CA PRO D 293 1.35 -31.63 3.75
C PRO D 293 1.79 -31.31 2.31
N ASP D 294 0.95 -31.65 1.31
CA ASP D 294 1.25 -31.25 -0.07
C ASP D 294 0.77 -29.79 -0.27
N ILE D 295 1.09 -29.15 -1.40
CA ILE D 295 0.73 -27.74 -1.63
C ILE D 295 -0.79 -27.50 -1.64
N LYS D 296 -1.60 -28.46 -2.11
CA LYS D 296 -3.05 -28.31 -2.10
C LYS D 296 -3.56 -28.18 -0.64
N LYS D 297 -3.00 -28.98 0.29
CA LYS D 297 -3.38 -28.96 1.69
C LYS D 297 -2.92 -27.63 2.33
N VAL D 298 -1.70 -27.17 1.99
CA VAL D 298 -1.20 -25.87 2.47
C VAL D 298 -2.14 -24.76 2.03
N GLN D 299 -2.57 -24.77 0.76
CA GLN D 299 -3.49 -23.80 0.18
C GLN D 299 -4.80 -23.77 0.95
N GLN D 300 -5.35 -24.95 1.28
CA GLN D 300 -6.61 -25.11 1.99
C GLN D 300 -6.49 -24.61 3.43
N LEU D 301 -5.38 -24.91 4.11
CA LEU D 301 -5.18 -24.44 5.48
C LEU D 301 -5.03 -22.91 5.50
N LEU D 302 -4.36 -22.33 4.48
CA LEU D 302 -4.19 -20.88 4.43
C LEU D 302 -5.53 -20.16 4.15
N GLN D 303 -6.48 -20.83 3.45
CA GLN D 303 -7.81 -20.30 3.18
C GLN D 303 -8.67 -20.36 4.45
N GLU D 304 -8.59 -21.46 5.19
CA GLU D 304 -9.34 -21.62 6.44
C GLU D 304 -8.88 -20.61 7.52
N MET D 305 -7.61 -20.17 7.44
CA MET D 305 -7.03 -19.19 8.36
C MET D 305 -7.79 -17.86 8.29
N THR D 306 -8.19 -17.43 7.09
CA THR D 306 -8.93 -16.18 6.93
C THR D 306 -10.44 -16.39 6.70
N ALA D 307 -10.91 -17.64 6.58
CA ALA D 307 -12.32 -17.96 6.34
C ALA D 307 -13.24 -17.37 7.40
#